data_6P68
#
_entry.id   6P68
#
_cell.length_a   192.500
_cell.length_b   79.273
_cell.length_c   96.718
_cell.angle_alpha   90.00
_cell.angle_beta   110.53
_cell.angle_gamma   90.00
#
_symmetry.space_group_name_H-M   'C 1 2 1'
#
loop_
_entity.id
_entity.type
_entity.pdbx_description
1 polymer 'Fibroblast growth factor receptor 1'
2 non-polymer N-{3-[(6-{[(2,6-dichloro-3,5-dimethoxyphenyl)carbamoyl](methyl)amino}pyrimidin-4-yl)amino]-1-(2-hydroxyethyl)-1H-pyrazol-4-yl}prop-2-enamide
3 non-polymer 'SULFATE ION'
4 water water
#
_entity_poly.entity_id   1
_entity_poly.type   'polypeptide(L)'
_entity_poly.pdbx_seq_one_letter_code
;GAGVSEYELPEDPRWELPRDRLVLGKPLGEGAFGQVVLAEAIGLDKDKPNRVTKVAVKMLKSDATEKDLSDLISEMEMMK
MIGKHKNIINLLGACTQDGPLYVIVECASKGNLREYLQARRPPGLEYSYNPSHNPEEQLSSKDLVSCAYQVARGMEYLAS
KKCIHRDLAARNVLVTEDNVMKIADFGLARDIHHIDYYKKTTNGRLPVKWMAPEALFDRIYTHQSDVWSFGVLLWEIFTL
GGSPYPGVPVEELFKLLKEGHRMDKPSNCTNELYMMMRDCWHAVPSQRPTFKQLVEDLDRIVALTSNQE
;
_entity_poly.pdbx_strand_id   A,B,C
#
loop_
_chem_comp.id
_chem_comp.type
_chem_comp.name
_chem_comp.formula
O1Y non-polymer N-{3-[(6-{[(2,6-dichloro-3,5-dimethoxyphenyl)carbamoyl](methyl)amino}pyrimidin-4-yl)amino]-1-(2-hydroxyethyl)-1H-pyrazol-4-yl}prop-2-enamide 'C22 H24 Cl2 N8 O5'
SO4 non-polymer 'SULFATE ION' 'O4 S -2'
#
# COMPACT_ATOMS: atom_id res chain seq x y z
N GLU A 6 -11.45 1.54 -18.19
CA GLU A 6 -11.01 0.23 -17.62
C GLU A 6 -9.50 0.18 -17.48
N TYR A 7 -9.02 -0.77 -16.69
CA TYR A 7 -7.61 -1.16 -16.66
C TYR A 7 -7.36 -2.19 -15.58
N GLU A 8 -6.27 -2.93 -15.73
CA GLU A 8 -5.73 -3.76 -14.66
C GLU A 8 -4.29 -3.32 -14.50
N LEU A 9 -3.79 -3.32 -13.27
CA LEU A 9 -2.39 -3.01 -13.02
C LEU A 9 -1.73 -4.20 -12.43
N PRO A 10 -0.43 -4.30 -12.62
CA PRO A 10 0.30 -5.26 -11.83
C PRO A 10 0.46 -4.76 -10.40
N GLU A 11 0.49 -5.67 -9.44
CA GLU A 11 0.68 -5.31 -8.06
C GLU A 11 2.10 -5.67 -7.62
N ASP A 12 2.86 -4.70 -7.08
CA ASP A 12 4.11 -5.00 -6.37
C ASP A 12 3.76 -5.00 -4.91
N PRO A 13 3.98 -6.12 -4.21
CA PRO A 13 3.66 -6.20 -2.77
C PRO A 13 4.55 -5.39 -1.84
N ARG A 14 5.71 -4.96 -2.30
CA ARG A 14 6.57 -4.09 -1.51
C ARG A 14 5.71 -2.88 -1.16
N TRP A 15 4.99 -2.37 -2.17
CA TRP A 15 4.18 -1.16 -2.07
C TRP A 15 2.62 -1.27 -1.96
N GLU A 16 2.03 -2.43 -2.13
CA GLU A 16 0.58 -2.50 -2.10
C GLU A 16 0.03 -2.40 -0.69
N LEU A 17 -0.89 -1.45 -0.48
CA LEU A 17 -1.71 -1.33 0.75
C LEU A 17 -3.17 -1.67 0.43
N PRO A 18 -3.76 -2.62 1.17
CA PRO A 18 -5.18 -2.96 0.98
C PRO A 18 -6.05 -1.74 1.12
N ARG A 19 -6.92 -1.45 0.14
CA ARG A 19 -7.60 -0.13 0.08
C ARG A 19 -8.56 0.10 1.23
N ASP A 20 -8.92 -0.96 1.94
CA ASP A 20 -9.70 -0.79 3.16
C ASP A 20 -8.86 -0.35 4.37
N ARG A 21 -7.53 -0.40 4.27
CA ARG A 21 -6.66 0.21 5.29
C ARG A 21 -6.47 1.70 5.03
N LEU A 22 -7.36 2.32 4.25
CA LEU A 22 -7.17 3.71 3.87
C LEU A 22 -8.45 4.55 4.07
N VAL A 23 -8.39 5.56 4.93
CA VAL A 23 -9.59 6.32 5.28
C VAL A 23 -9.51 7.72 4.68
N LEU A 24 -10.21 7.89 3.57
CA LEU A 24 -10.09 9.10 2.79
C LEU A 24 -10.80 10.26 3.49
N GLY A 25 -10.26 11.47 3.33
CA GLY A 25 -10.75 12.65 4.02
C GLY A 25 -10.74 13.88 3.10
N LYS A 26 -10.54 15.07 3.66
CA LYS A 26 -10.75 16.28 2.88
C LYS A 26 -9.79 16.40 1.70
N PRO A 27 -10.27 16.98 0.59
CA PRO A 27 -9.43 17.26 -0.56
C PRO A 27 -8.62 18.52 -0.33
N LEU A 28 -7.91 18.96 -1.37
CA LEU A 28 -7.24 20.24 -1.33
C LEU A 28 -6.73 20.65 -2.73
N GLY A 29 -7.65 21.19 -3.54
CA GLY A 29 -7.31 21.69 -4.87
C GLY A 29 -7.07 20.62 -5.92
N GLU A 30 -7.61 20.85 -7.12
CA GLU A 30 -7.30 20.03 -8.29
C GLU A 30 -6.10 20.63 -9.01
N GLY A 31 -4.93 20.03 -8.81
CA GLY A 31 -3.68 20.52 -9.40
C GLY A 31 -3.56 20.25 -10.89
N ALA A 32 -2.33 20.39 -11.41
CA ALA A 32 -2.03 20.20 -12.84
C ALA A 32 -2.31 18.77 -13.26
N PHE A 33 -3.57 18.49 -13.58
CA PHE A 33 -4.12 17.13 -13.69
C PHE A 33 -4.08 16.45 -12.31
N GLY A 34 -4.98 15.48 -12.08
CA GLY A 34 -5.06 14.77 -10.80
C GLY A 34 -5.72 15.58 -9.69
N GLN A 35 -6.16 14.90 -8.65
CA GLN A 35 -6.71 15.60 -7.49
C GLN A 35 -6.46 14.82 -6.23
N VAL A 36 -6.06 15.55 -5.18
CA VAL A 36 -5.35 14.99 -4.03
C VAL A 36 -6.23 15.14 -2.79
N VAL A 37 -6.16 14.18 -1.87
CA VAL A 37 -7.01 14.22 -0.67
C VAL A 37 -6.28 13.65 0.53
N LEU A 38 -6.43 14.28 1.69
CA LEU A 38 -5.83 13.78 2.90
C LEU A 38 -6.46 12.51 3.25
N ALA A 39 -5.76 11.68 4.00
CA ALA A 39 -6.28 10.40 4.44
C ALA A 39 -5.47 9.79 5.56
N GLU A 40 -6.04 8.77 6.18
CA GLU A 40 -5.40 8.05 7.25
C GLU A 40 -5.16 6.64 6.80
N ALA A 41 -3.91 6.22 6.86
CA ALA A 41 -3.54 4.87 6.50
C ALA A 41 -3.49 4.13 7.81
N ILE A 42 -3.97 2.90 7.81
CA ILE A 42 -4.01 2.07 9.01
C ILE A 42 -2.93 1.03 8.85
N GLY A 43 -2.26 0.69 9.94
CA GLY A 43 -1.02 -0.06 9.86
C GLY A 43 0.08 0.83 9.29
N LEU A 44 0.57 0.47 8.10
CA LEU A 44 1.78 1.04 7.45
C LEU A 44 3.07 0.50 8.05
N ASP A 45 3.03 0.08 9.30
CA ASP A 45 4.20 -0.34 10.02
C ASP A 45 3.85 -1.64 10.76
N LYS A 46 4.51 -2.75 10.39
CA LYS A 46 4.39 -4.04 11.10
C LYS A 46 4.45 -3.86 12.62
N ASP A 47 5.39 -3.04 13.07
CA ASP A 47 5.61 -2.79 14.49
C ASP A 47 4.32 -2.35 15.18
N LYS A 48 3.66 -1.32 14.62
CA LYS A 48 2.51 -0.68 15.27
C LYS A 48 1.34 -0.67 14.29
N PRO A 49 0.72 -1.85 14.07
CA PRO A 49 -0.24 -2.06 12.98
C PRO A 49 -1.64 -1.48 13.28
N ASN A 50 -1.87 -1.06 14.54
CA ASN A 50 -3.13 -0.45 14.94
C ASN A 50 -3.03 1.07 15.05
N ARG A 51 -2.10 1.68 14.30
CA ARG A 51 -1.92 3.13 14.33
C ARG A 51 -2.34 3.72 13.00
N VAL A 52 -3.02 4.87 13.05
CA VAL A 52 -3.33 5.61 11.84
C VAL A 52 -2.18 6.53 11.67
N THR A 53 -1.92 6.90 10.40
CA THR A 53 -0.82 7.75 9.99
C THR A 53 -1.45 8.64 8.96
N LYS A 54 -1.30 9.95 9.11
CA LYS A 54 -1.93 10.82 8.17
C LYS A 54 -1.02 10.82 6.96
N VAL A 55 -1.64 10.77 5.77
CA VAL A 55 -0.93 10.69 4.50
C VAL A 55 -1.66 11.57 3.50
N ALA A 56 -0.99 11.91 2.41
CA ALA A 56 -1.61 12.51 1.24
C ALA A 56 -1.76 11.49 0.09
N VAL A 57 -2.94 11.40 -0.50
CA VAL A 57 -3.29 10.36 -1.46
C VAL A 57 -3.71 11.03 -2.73
N LYS A 58 -3.11 10.63 -3.84
CA LYS A 58 -3.44 11.22 -5.11
C LYS A 58 -4.13 10.20 -5.92
N MET A 59 -5.09 10.68 -6.71
CA MET A 59 -6.02 9.86 -7.46
C MET A 59 -6.50 10.67 -8.64
N LEU A 60 -7.19 10.01 -9.56
CA LEU A 60 -7.68 10.71 -10.73
C LEU A 60 -9.04 11.34 -10.47
N LYS A 61 -9.29 12.49 -11.08
CA LYS A 61 -10.65 13.04 -11.13
C LYS A 61 -11.43 12.13 -12.07
N SER A 62 -12.75 12.11 -11.96
CA SER A 62 -13.58 11.22 -12.81
C SER A 62 -13.57 11.61 -14.30
N ASP A 63 -13.25 12.88 -14.60
CA ASP A 63 -13.12 13.40 -15.97
C ASP A 63 -11.68 13.18 -16.40
N ALA A 64 -11.30 11.93 -16.61
CA ALA A 64 -9.88 11.59 -16.67
C ALA A 64 -9.52 10.71 -17.86
N THR A 65 -8.59 11.20 -18.69
CA THR A 65 -8.25 10.54 -19.95
C THR A 65 -7.43 9.30 -19.71
N GLU A 66 -7.10 8.60 -20.79
CA GLU A 66 -6.25 7.41 -20.71
C GLU A 66 -4.82 7.83 -20.33
N LYS A 67 -4.41 9.00 -20.80
CA LYS A 67 -3.11 9.52 -20.54
C LYS A 67 -3.07 9.97 -19.10
N ASP A 68 -3.93 10.92 -18.74
CA ASP A 68 -4.08 11.33 -17.35
C ASP A 68 -3.76 10.19 -16.38
N LEU A 69 -4.20 8.97 -16.69
CA LEU A 69 -3.85 7.78 -15.92
C LEU A 69 -2.40 7.41 -16.10
N SER A 70 -1.99 7.24 -17.35
CA SER A 70 -0.64 6.82 -17.66
C SER A 70 0.29 7.74 -16.87
N ASP A 71 0.07 9.06 -16.97
CA ASP A 71 0.82 10.06 -16.16
C ASP A 71 0.88 9.69 -14.67
N LEU A 72 -0.24 9.34 -14.07
CA LEU A 72 -0.22 9.06 -12.65
C LEU A 72 0.64 7.84 -12.40
N ILE A 73 0.45 6.81 -13.20
CA ILE A 73 1.32 5.64 -13.08
C ILE A 73 2.81 6.00 -13.29
N SER A 74 3.12 6.95 -14.16
CA SER A 74 4.50 7.28 -14.41
C SER A 74 5.10 7.83 -13.13
N GLU A 75 4.50 8.89 -12.62
CA GLU A 75 5.07 9.61 -11.49
C GLU A 75 5.12 8.71 -10.27
N MET A 76 4.15 7.82 -10.13
CA MET A 76 4.31 6.82 -9.10
C MET A 76 5.65 6.05 -9.31
N GLU A 77 5.86 5.52 -10.52
CA GLU A 77 6.97 4.60 -10.77
C GLU A 77 8.32 5.29 -10.64
N MET A 78 8.34 6.56 -11.02
CA MET A 78 9.48 7.40 -10.84
C MET A 78 9.79 7.64 -9.36
N MET A 79 8.77 7.86 -8.55
CA MET A 79 9.02 8.06 -7.15
C MET A 79 9.63 6.78 -6.56
N LYS A 80 9.20 5.63 -7.05
CA LYS A 80 9.86 4.38 -6.72
C LYS A 80 11.37 4.35 -7.09
N MET A 81 11.72 4.80 -8.29
CA MET A 81 13.12 4.79 -8.77
C MET A 81 14.05 5.68 -7.95
N ILE A 82 13.60 6.90 -7.71
CA ILE A 82 14.38 7.93 -7.05
C ILE A 82 14.73 7.53 -5.60
N GLY A 83 13.83 6.82 -4.93
CA GLY A 83 14.02 6.41 -3.55
C GLY A 83 13.88 7.47 -2.46
N LYS A 84 13.94 7.02 -1.22
CA LYS A 84 13.79 7.87 -0.02
C LYS A 84 14.91 8.85 0.32
N HIS A 85 14.50 9.97 0.89
CA HIS A 85 15.38 11.01 1.36
C HIS A 85 14.54 11.93 2.25
N LYS A 86 15.15 12.42 3.31
CA LYS A 86 14.48 13.13 4.39
C LYS A 86 13.86 14.37 3.81
N ASN A 87 14.64 15.05 2.99
CA ASN A 87 14.25 16.31 2.39
C ASN A 87 13.48 16.24 1.05
N ILE A 88 12.78 15.12 0.78
CA ILE A 88 11.75 15.09 -0.26
C ILE A 88 10.47 14.45 0.23
N ILE A 89 9.37 14.74 -0.44
CA ILE A 89 8.08 14.07 -0.18
C ILE A 89 8.23 12.64 -0.77
N ASN A 90 7.98 11.62 0.05
CA ASN A 90 8.21 10.21 -0.33
C ASN A 90 6.97 9.42 -0.52
N LEU A 91 7.04 8.44 -1.40
CA LEU A 91 5.99 7.45 -1.57
C LEU A 91 5.97 6.52 -0.39
N LEU A 92 4.79 6.13 0.05
CA LEU A 92 4.66 5.18 1.16
C LEU A 92 3.87 3.94 0.77
N GLY A 93 3.11 4.03 -0.30
CA GLY A 93 2.28 2.91 -0.71
C GLY A 93 1.44 3.31 -1.90
N ALA A 94 0.62 2.36 -2.36
CA ALA A 94 -0.31 2.55 -3.44
C ALA A 94 -1.40 1.54 -3.38
N CYS A 95 -2.57 1.93 -3.86
CA CYS A 95 -3.71 1.01 -3.94
C CYS A 95 -3.95 0.87 -5.42
N THR A 96 -3.67 -0.32 -5.95
CA THR A 96 -3.63 -0.56 -7.42
C THR A 96 -4.73 -1.45 -7.97
N GLN A 97 -5.29 -2.30 -7.10
CA GLN A 97 -6.18 -3.38 -7.43
C GLN A 97 -7.60 -3.15 -6.90
N ASP A 98 -8.60 -3.69 -7.61
CA ASP A 98 -10.01 -3.67 -7.20
C ASP A 98 -10.48 -2.27 -6.86
N GLY A 99 -10.02 -1.30 -7.65
CA GLY A 99 -10.50 0.05 -7.52
C GLY A 99 -9.65 1.01 -8.33
N PRO A 100 -9.95 2.29 -8.24
CA PRO A 100 -9.11 3.28 -8.87
C PRO A 100 -7.76 3.37 -8.16
N LEU A 101 -6.77 3.91 -8.87
CA LEU A 101 -5.39 3.94 -8.37
C LEU A 101 -5.25 5.07 -7.37
N TYR A 102 -4.70 4.73 -6.22
CA TYR A 102 -4.38 5.69 -5.17
C TYR A 102 -2.88 5.61 -4.97
N VAL A 103 -2.21 6.74 -5.14
CA VAL A 103 -0.77 6.89 -4.91
C VAL A 103 -0.55 7.68 -3.61
N ILE A 104 -0.24 6.98 -2.54
CA ILE A 104 -0.06 7.53 -1.21
C ILE A 104 1.34 8.09 -0.96
N VAL A 105 1.43 9.31 -0.44
CA VAL A 105 2.72 9.84 0.04
C VAL A 105 2.60 10.55 1.42
N GLU A 106 3.69 11.15 1.85
CA GLU A 106 3.80 11.76 3.16
C GLU A 106 2.96 13.00 3.31
N CYS A 107 2.38 13.20 4.51
CA CYS A 107 1.70 14.43 4.86
C CYS A 107 2.68 15.33 5.55
N ALA A 108 2.74 16.57 5.09
CA ALA A 108 3.62 17.57 5.64
C ALA A 108 2.72 18.63 6.25
N SER A 109 2.65 18.63 7.58
CA SER A 109 1.53 19.22 8.31
C SER A 109 1.56 20.73 8.56
N LYS A 110 2.61 21.41 8.13
CA LYS A 110 2.68 22.86 8.22
C LYS A 110 2.70 23.58 6.88
N GLY A 111 2.19 22.93 5.83
CA GLY A 111 1.99 23.64 4.56
C GLY A 111 3.24 23.88 3.75
N ASN A 112 3.22 24.88 2.89
CA ASN A 112 4.32 25.11 2.00
C ASN A 112 5.27 26.13 2.61
N LEU A 113 6.46 26.23 2.04
CA LEU A 113 7.51 26.96 2.71
C LEU A 113 7.01 28.38 2.86
N ARG A 114 6.64 29.00 1.73
CA ARG A 114 6.09 30.36 1.65
C ARG A 114 5.00 30.71 2.71
N GLU A 115 3.94 29.91 2.78
CA GLU A 115 2.93 30.10 3.83
C GLU A 115 3.56 30.10 5.23
N TYR A 116 4.46 29.16 5.48
CA TYR A 116 5.13 29.01 6.79
C TYR A 116 6.10 30.19 7.09
N LEU A 117 6.77 30.66 6.07
CA LEU A 117 7.57 31.83 6.24
C LEU A 117 6.69 33.00 6.66
N GLN A 118 5.77 33.42 5.79
CA GLN A 118 4.75 34.43 6.14
C GLN A 118 4.18 34.34 7.54
N ALA A 119 3.69 33.17 7.90
CA ALA A 119 3.12 33.00 9.22
C ALA A 119 4.07 33.21 10.39
N ARG A 120 5.32 33.60 10.09
CA ARG A 120 6.37 33.68 11.10
C ARG A 120 7.14 34.98 10.96
N ARG A 121 6.45 36.00 10.48
CA ARG A 121 7.00 37.33 10.42
C ARG A 121 6.87 38.00 11.80
N PRO A 122 7.57 39.14 12.01
CA PRO A 122 7.43 40.00 13.21
C PRO A 122 6.02 40.61 13.44
N PRO A 123 5.69 40.98 14.70
CA PRO A 123 4.32 41.37 15.13
C PRO A 123 3.53 42.19 14.11
N GLU A 136 3.35 30.16 13.95
CA GLU A 136 3.11 31.45 14.59
C GLU A 136 4.32 32.03 15.37
N GLU A 137 5.36 31.22 15.63
CA GLU A 137 6.61 31.69 16.26
C GLU A 137 7.50 32.50 15.29
N GLN A 138 8.68 32.90 15.75
CA GLN A 138 9.61 33.68 14.91
C GLN A 138 10.87 32.89 14.52
N LEU A 139 11.31 33.05 13.28
CA LEU A 139 12.48 32.30 12.79
C LEU A 139 13.83 32.98 13.09
N SER A 140 14.74 32.27 13.75
CA SER A 140 16.11 32.81 13.94
C SER A 140 16.86 32.81 12.62
N SER A 141 18.00 33.47 12.63
CA SER A 141 18.81 33.50 11.42
C SER A 141 19.24 32.08 11.10
N LYS A 142 19.55 31.29 12.13
CA LYS A 142 19.97 29.92 11.93
C LYS A 142 18.80 29.17 11.31
N ASP A 143 17.61 29.44 11.83
CA ASP A 143 16.41 28.78 11.33
C ASP A 143 16.21 28.98 9.82
N LEU A 144 16.48 30.18 9.30
CA LEU A 144 16.46 30.38 7.85
C LEU A 144 17.55 29.66 7.05
N VAL A 145 18.82 29.80 7.41
CA VAL A 145 19.91 29.15 6.63
C VAL A 145 19.76 27.64 6.68
N SER A 146 19.46 27.13 7.87
CA SER A 146 19.09 25.75 7.98
C SER A 146 18.10 25.40 6.87
N CYS A 147 17.01 26.18 6.79
CA CYS A 147 15.95 25.95 5.79
C CYS A 147 16.54 25.90 4.34
N ALA A 148 17.29 26.92 3.94
CA ALA A 148 17.99 26.83 2.65
C ALA A 148 18.88 25.56 2.54
N TYR A 149 19.57 25.20 3.62
CA TYR A 149 20.45 24.05 3.61
C TYR A 149 19.65 22.80 3.30
N GLN A 150 18.62 22.54 4.10
CA GLN A 150 17.71 21.41 3.79
C GLN A 150 17.16 21.40 2.36
N VAL A 151 16.75 22.54 1.82
CA VAL A 151 16.29 22.42 0.45
C VAL A 151 17.46 22.00 -0.46
N ALA A 152 18.61 22.63 -0.33
CA ALA A 152 19.79 22.21 -1.12
C ALA A 152 20.10 20.72 -0.98
N ARG A 153 20.01 20.20 0.22
CA ARG A 153 20.20 18.78 0.34
C ARG A 153 19.24 18.06 -0.58
N GLY A 154 17.95 18.31 -0.41
CA GLY A 154 16.92 17.61 -1.20
C GLY A 154 17.20 17.74 -2.67
N MET A 155 17.58 18.93 -3.09
CA MET A 155 17.80 19.16 -4.50
C MET A 155 18.96 18.34 -5.02
N GLU A 156 20.06 18.35 -4.24
CA GLU A 156 21.23 17.54 -4.49
C GLU A 156 20.86 16.12 -4.61
N TYR A 157 19.99 15.65 -3.73
CA TYR A 157 19.63 14.24 -3.76
C TYR A 157 18.97 13.90 -5.07
N LEU A 158 17.96 14.69 -5.42
CA LEU A 158 17.20 14.41 -6.63
C LEU A 158 18.21 14.48 -7.77
N ALA A 159 19.02 15.53 -7.79
CA ALA A 159 19.96 15.66 -8.89
C ALA A 159 20.82 14.41 -9.01
N SER A 160 21.31 13.89 -7.87
CA SER A 160 22.11 12.65 -7.86
C SER A 160 21.40 11.48 -8.52
N LYS A 161 20.08 11.59 -8.60
CA LYS A 161 19.20 10.60 -9.19
C LYS A 161 18.70 11.04 -10.56
N LYS A 162 19.43 11.95 -11.20
CA LYS A 162 19.08 12.35 -12.55
C LYS A 162 17.80 13.15 -12.64
N CYS A 163 17.15 13.44 -11.51
CA CYS A 163 15.92 14.23 -11.51
C CYS A 163 16.22 15.71 -11.65
N ILE A 164 15.53 16.35 -12.60
CA ILE A 164 15.55 17.80 -12.85
C ILE A 164 14.15 18.32 -12.47
N HIS A 165 14.07 19.36 -11.64
CA HIS A 165 12.80 19.72 -11.01
C HIS A 165 11.88 20.57 -11.92
N ARG A 166 12.38 21.69 -12.41
CA ARG A 166 11.67 22.54 -13.38
C ARG A 166 10.78 23.64 -12.80
N ASP A 167 10.23 23.43 -11.61
CA ASP A 167 9.48 24.49 -10.92
C ASP A 167 9.81 24.53 -9.44
N LEU A 168 11.03 24.95 -9.12
CA LEU A 168 11.50 24.90 -7.75
C LEU A 168 11.22 26.24 -7.16
N ALA A 169 10.49 26.24 -6.05
CA ALA A 169 10.26 27.46 -5.31
C ALA A 169 9.57 27.18 -3.99
N ALA A 170 9.57 28.16 -3.11
CA ALA A 170 8.95 27.98 -1.80
C ALA A 170 7.63 27.25 -1.84
N ARG A 171 6.74 27.57 -2.81
CA ARG A 171 5.40 26.95 -2.87
C ARG A 171 5.51 25.43 -3.02
N ASN A 172 6.52 25.01 -3.77
CA ASN A 172 6.87 23.60 -3.96
C ASN A 172 7.81 22.93 -2.96
N VAL A 173 8.10 23.65 -1.90
CA VAL A 173 8.72 23.05 -0.74
C VAL A 173 7.64 22.95 0.34
N LEU A 174 7.41 21.76 0.88
CA LEU A 174 6.51 21.57 1.98
C LEU A 174 7.27 21.33 3.30
N VAL A 175 6.62 21.61 4.43
CA VAL A 175 7.26 21.58 5.74
C VAL A 175 6.51 20.68 6.69
N THR A 176 7.23 19.81 7.41
CA THR A 176 6.59 18.82 8.28
C THR A 176 6.35 19.43 9.64
N GLU A 177 5.70 18.70 10.55
CA GLU A 177 5.54 19.17 11.92
C GLU A 177 6.88 19.54 12.50
N ASP A 178 7.84 18.59 12.50
CA ASP A 178 9.18 18.80 13.08
C ASP A 178 10.07 19.71 12.25
N ASN A 179 9.45 20.48 11.37
CA ASN A 179 10.06 21.62 10.68
C ASN A 179 11.01 21.30 9.56
N VAL A 180 10.87 20.12 8.97
CA VAL A 180 11.80 19.64 7.97
C VAL A 180 11.34 20.09 6.57
N MET A 181 12.21 20.74 5.80
CA MET A 181 11.83 21.07 4.43
C MET A 181 11.76 19.80 3.56
N LYS A 182 10.64 19.63 2.86
CA LYS A 182 10.53 18.56 1.86
C LYS A 182 10.10 19.08 0.53
N ILE A 183 10.87 18.74 -0.49
CA ILE A 183 10.57 19.15 -1.86
C ILE A 183 9.44 18.34 -2.46
N ALA A 184 8.59 19.02 -3.20
CA ALA A 184 7.39 18.39 -3.71
C ALA A 184 7.31 18.52 -5.21
N ASP A 185 6.57 17.58 -5.81
CA ASP A 185 6.22 17.62 -7.24
C ASP A 185 7.41 17.52 -8.18
N PHE A 186 8.30 16.56 -7.94
CA PHE A 186 9.55 16.47 -8.71
C PHE A 186 9.36 15.60 -9.96
N GLY A 187 8.81 14.39 -9.79
CA GLY A 187 8.61 13.45 -10.93
C GLY A 187 7.47 13.85 -11.86
N LEU A 188 7.39 15.14 -12.18
CA LEU A 188 6.18 15.76 -12.68
C LEU A 188 6.17 15.84 -14.22
N ALA A 189 5.18 15.17 -14.84
CA ALA A 189 5.00 15.21 -16.28
C ALA A 189 4.38 16.54 -16.71
N ARG A 190 5.13 17.31 -17.51
CA ARG A 190 4.73 18.67 -17.87
C ARG A 190 4.55 18.87 -19.39
N ASP A 191 3.98 20.01 -19.79
CA ASP A 191 4.02 20.48 -21.18
C ASP A 191 3.97 22.03 -21.27
N ILE A 195 1.48 26.57 -21.31
CA ILE A 195 2.62 27.35 -21.78
C ILE A 195 2.31 28.86 -21.73
N ASP A 196 1.42 29.28 -20.83
CA ASP A 196 1.08 30.70 -20.69
C ASP A 196 1.88 31.32 -19.55
N TYR A 197 2.69 32.31 -19.90
CA TYR A 197 3.55 32.98 -18.93
C TYR A 197 2.77 33.98 -18.06
N TYR A 198 1.49 34.18 -18.39
CA TYR A 198 0.56 35.03 -17.64
C TYR A 198 -0.31 34.18 -16.72
N LYS A 199 -0.21 32.86 -16.84
CA LYS A 199 -0.95 31.94 -15.98
C LYS A 199 -0.65 32.23 -14.50
N LYS A 200 -1.66 32.64 -13.75
CA LYS A 200 -1.44 33.04 -12.36
C LYS A 200 -1.68 31.91 -11.35
N THR A 201 -0.80 31.86 -10.34
CA THR A 201 -0.92 30.91 -9.21
C THR A 201 -2.00 31.37 -8.23
N THR A 202 -2.29 30.53 -7.24
CA THR A 202 -3.20 30.87 -6.16
C THR A 202 -2.88 32.23 -5.56
N ASN A 203 -1.64 32.39 -5.07
CA ASN A 203 -1.21 33.64 -4.45
C ASN A 203 -1.16 34.84 -5.43
N GLY A 204 -1.26 34.55 -6.73
CA GLY A 204 -1.32 35.57 -7.76
C GLY A 204 -0.01 35.75 -8.51
N ARG A 205 1.02 34.96 -8.14
CA ARG A 205 2.36 35.03 -8.77
C ARG A 205 2.50 34.21 -10.06
N LEU A 206 3.58 34.51 -10.76
CA LEU A 206 3.84 33.99 -12.07
C LEU A 206 5.09 33.11 -12.04
N PRO A 207 4.93 31.79 -12.31
CA PRO A 207 6.02 30.82 -12.45
C PRO A 207 7.24 31.23 -13.27
N VAL A 208 7.13 32.25 -14.09
CA VAL A 208 8.30 32.67 -14.83
C VAL A 208 9.29 33.41 -13.96
N LYS A 209 8.90 33.79 -12.75
CA LYS A 209 9.80 34.67 -11.98
C LYS A 209 10.93 33.82 -11.39
N TRP A 210 10.64 32.54 -11.27
CA TRP A 210 11.60 31.52 -10.88
C TRP A 210 12.43 30.92 -12.05
N MET A 211 12.07 31.22 -13.29
CA MET A 211 12.72 30.60 -14.45
C MET A 211 13.98 31.27 -14.90
N ALA A 212 14.97 30.44 -15.20
CA ALA A 212 16.27 30.87 -15.70
C ALA A 212 16.14 31.29 -17.16
N PRO A 213 16.92 32.30 -17.56
CA PRO A 213 16.84 32.81 -18.92
C PRO A 213 16.66 31.70 -19.96
N GLU A 214 17.64 30.83 -20.11
CA GLU A 214 17.62 29.78 -21.13
C GLU A 214 16.44 28.84 -21.02
N ALA A 215 15.81 28.78 -19.85
CA ALA A 215 14.63 27.96 -19.69
C ALA A 215 13.48 28.69 -20.33
N LEU A 216 13.45 29.98 -20.02
CA LEU A 216 12.44 30.90 -20.52
C LEU A 216 12.49 30.92 -22.01
N PHE A 217 13.66 31.29 -22.54
CA PHE A 217 13.77 31.62 -23.94
C PHE A 217 13.85 30.34 -24.77
N ASP A 218 14.86 29.50 -24.53
CA ASP A 218 15.14 28.36 -25.42
C ASP A 218 14.66 27.00 -24.89
N ARG A 219 13.80 26.99 -23.88
CA ARG A 219 13.22 25.74 -23.38
C ARG A 219 14.27 24.73 -22.76
N ILE A 220 15.47 25.23 -22.48
CA ILE A 220 16.58 24.41 -21.99
C ILE A 220 16.60 24.27 -20.46
N TYR A 221 16.18 23.10 -19.97
CA TYR A 221 16.00 22.80 -18.53
C TYR A 221 17.02 21.79 -18.00
N THR A 222 17.73 22.15 -16.95
CA THR A 222 18.82 21.36 -16.41
C THR A 222 19.00 21.66 -14.93
N HIS A 223 19.97 21.00 -14.31
CA HIS A 223 20.37 21.29 -12.91
C HIS A 223 20.76 22.74 -12.71
N GLN A 224 21.41 23.25 -13.75
CA GLN A 224 21.88 24.60 -13.76
C GLN A 224 20.70 25.58 -13.65
N SER A 225 19.59 25.29 -14.30
CA SER A 225 18.44 26.17 -14.21
C SER A 225 17.70 25.89 -12.90
N ASP A 226 17.73 24.65 -12.46
CA ASP A 226 17.20 24.37 -11.13
C ASP A 226 18.02 25.16 -10.08
N VAL A 227 19.26 25.49 -10.39
CA VAL A 227 20.07 26.25 -9.45
C VAL A 227 19.59 27.70 -9.45
N TRP A 228 19.43 28.28 -10.63
CA TRP A 228 18.81 29.61 -10.77
C TRP A 228 17.53 29.68 -9.96
N SER A 229 16.67 28.69 -10.11
CA SER A 229 15.50 28.74 -9.29
C SER A 229 15.88 28.87 -7.82
N PHE A 230 16.84 28.07 -7.38
CA PHE A 230 17.22 27.98 -5.96
C PHE A 230 17.72 29.34 -5.45
N GLY A 231 18.43 30.06 -6.33
CA GLY A 231 18.69 31.47 -6.07
C GLY A 231 17.45 32.22 -5.59
N VAL A 232 16.47 32.40 -6.49
CA VAL A 232 15.19 33.01 -6.17
C VAL A 232 14.62 32.36 -4.92
N LEU A 233 14.66 31.04 -4.82
CA LEU A 233 14.21 30.39 -3.57
C LEU A 233 14.96 30.92 -2.35
N LEU A 234 16.23 31.31 -2.47
CA LEU A 234 16.91 31.86 -1.31
C LEU A 234 16.38 33.24 -1.03
N TRP A 235 16.24 34.02 -2.11
CA TRP A 235 15.60 35.31 -2.04
C TRP A 235 14.25 35.23 -1.32
N GLU A 236 13.38 34.32 -1.72
CA GLU A 236 12.13 34.15 -1.01
C GLU A 236 12.38 33.97 0.50
N ILE A 237 13.41 33.20 0.85
CA ILE A 237 13.60 32.76 2.23
C ILE A 237 14.05 33.93 3.10
N PHE A 238 14.96 34.72 2.58
CA PHE A 238 15.49 35.84 3.37
C PHE A 238 14.68 37.14 3.22
N THR A 239 13.45 37.00 2.76
CA THR A 239 12.46 38.05 2.75
C THR A 239 11.22 37.43 3.37
N LEU A 240 11.44 36.50 4.28
CA LEU A 240 10.36 35.85 4.98
C LEU A 240 9.07 35.74 4.19
N GLY A 241 9.20 35.37 2.91
CA GLY A 241 8.00 35.06 2.09
C GLY A 241 7.82 35.94 0.87
N GLY A 242 8.83 36.72 0.53
CA GLY A 242 8.76 37.71 -0.51
C GLY A 242 8.12 37.28 -1.82
N SER A 243 7.72 38.29 -2.58
CA SER A 243 7.24 38.12 -3.91
C SER A 243 8.31 38.72 -4.82
N PRO A 244 9.00 37.87 -5.62
CA PRO A 244 10.05 38.26 -6.56
C PRO A 244 9.69 39.34 -7.59
N TYR A 245 10.74 40.02 -8.06
CA TYR A 245 10.66 41.10 -9.04
C TYR A 245 9.35 41.86 -8.86
N PRO A 246 9.19 42.50 -7.69
CA PRO A 246 7.88 43.08 -7.31
C PRO A 246 7.37 44.17 -8.27
N GLY A 247 6.12 44.00 -8.74
CA GLY A 247 5.46 44.91 -9.68
C GLY A 247 6.33 45.22 -10.88
N VAL A 248 6.71 44.16 -11.59
CA VAL A 248 7.53 44.28 -12.79
C VAL A 248 6.90 43.32 -13.79
N PRO A 249 6.01 43.83 -14.65
CA PRO A 249 5.21 42.85 -15.42
C PRO A 249 6.09 41.95 -16.31
N VAL A 250 5.58 40.74 -16.58
CA VAL A 250 6.25 39.74 -17.41
C VAL A 250 7.09 40.35 -18.52
N GLU A 251 6.42 41.13 -19.37
CA GLU A 251 7.05 41.81 -20.49
C GLU A 251 8.42 42.45 -20.13
N GLU A 252 8.47 43.12 -18.98
CA GLU A 252 9.67 43.86 -18.54
C GLU A 252 10.78 42.92 -18.14
N LEU A 253 10.39 41.85 -17.45
CA LEU A 253 11.31 40.82 -16.96
C LEU A 253 12.11 40.18 -18.09
N PHE A 254 11.50 40.08 -19.27
CA PHE A 254 12.19 39.60 -20.46
C PHE A 254 13.47 40.41 -20.64
N LYS A 255 13.30 41.72 -20.82
CA LYS A 255 14.43 42.63 -21.02
C LYS A 255 15.40 42.61 -19.84
N LEU A 256 14.91 42.94 -18.65
CA LEU A 256 15.75 43.16 -17.48
C LEU A 256 16.82 42.09 -17.32
N LEU A 257 16.38 40.83 -17.40
CA LEU A 257 17.27 39.66 -17.37
C LEU A 257 18.22 39.62 -18.57
N LYS A 258 17.66 39.69 -19.78
CA LYS A 258 18.43 39.83 -21.03
C LYS A 258 19.69 40.66 -20.80
N GLU A 259 19.47 41.85 -20.24
CA GLU A 259 20.52 42.85 -20.05
C GLU A 259 21.48 42.51 -18.91
N GLY A 260 20.96 41.91 -17.84
CA GLY A 260 21.78 41.53 -16.69
C GLY A 260 21.33 42.07 -15.35
N HIS A 261 20.17 42.71 -15.31
CA HIS A 261 19.62 43.17 -14.04
C HIS A 261 19.39 41.93 -13.15
N ARG A 262 19.53 42.10 -11.85
CA ARG A 262 19.29 41.02 -10.88
C ARG A 262 18.49 41.57 -9.73
N MET A 263 17.79 40.71 -9.00
CA MET A 263 17.04 41.19 -7.84
C MET A 263 17.93 41.89 -6.84
N ASP A 264 17.30 42.72 -6.03
CA ASP A 264 17.99 43.48 -5.00
C ASP A 264 18.17 42.62 -3.76
N LYS A 265 19.27 42.82 -3.08
CA LYS A 265 19.50 42.18 -1.80
C LYS A 265 18.42 42.59 -0.79
N PRO A 266 17.85 41.64 -0.05
CA PRO A 266 16.99 41.98 1.08
C PRO A 266 17.73 42.61 2.23
N SER A 267 16.97 43.27 3.11
CA SER A 267 17.48 43.62 4.43
C SER A 267 17.46 42.35 5.23
N ASN A 268 18.26 42.30 6.29
CA ASN A 268 18.46 41.07 7.09
C ASN A 268 19.01 39.92 6.21
N CYS A 269 20.00 40.26 5.38
CA CYS A 269 20.67 39.30 4.51
C CYS A 269 22.12 39.72 4.36
N THR A 270 23.00 38.81 4.76
CA THR A 270 24.43 39.00 4.72
C THR A 270 24.92 39.03 3.29
N ASN A 271 26.06 39.67 3.06
CA ASN A 271 26.66 39.72 1.73
C ASN A 271 26.95 38.32 1.28
N GLU A 272 27.33 37.46 2.23
CA GLU A 272 27.70 36.09 1.87
C GLU A 272 26.53 35.46 1.13
N LEU A 273 25.37 35.51 1.78
CA LEU A 273 24.18 34.95 1.19
C LEU A 273 23.79 35.70 -0.06
N TYR A 274 23.93 37.02 -0.07
CA TYR A 274 23.52 37.72 -1.25
C TYR A 274 24.44 37.33 -2.40
N MET A 275 25.70 37.01 -2.09
CA MET A 275 26.64 36.55 -3.14
C MET A 275 26.32 35.14 -3.65
N MET A 276 25.66 34.34 -2.83
CA MET A 276 25.27 33.00 -3.22
C MET A 276 24.18 33.21 -4.27
N MET A 277 23.11 33.91 -3.87
CA MET A 277 22.04 34.27 -4.79
C MET A 277 22.58 34.67 -6.15
N ARG A 278 23.58 35.54 -6.13
CA ARG A 278 24.13 36.05 -7.35
C ARG A 278 24.87 34.99 -8.16
N ASP A 279 25.46 34.01 -7.50
CA ASP A 279 26.11 32.96 -8.25
C ASP A 279 25.04 32.03 -8.82
N CYS A 280 24.06 31.66 -8.01
CA CYS A 280 22.93 30.93 -8.58
C CYS A 280 22.36 31.65 -9.82
N TRP A 281 22.40 32.99 -9.83
CA TRP A 281 21.99 33.73 -11.02
C TRP A 281 23.12 34.10 -12.01
N HIS A 282 24.17 33.31 -12.11
CA HIS A 282 25.20 33.61 -13.13
C HIS A 282 24.58 33.59 -14.55
N ALA A 283 24.99 34.49 -15.43
CA ALA A 283 24.38 34.55 -16.76
C ALA A 283 24.73 33.32 -17.58
N VAL A 284 25.96 32.84 -17.39
CA VAL A 284 26.47 31.62 -18.00
C VAL A 284 26.15 30.39 -17.18
N PRO A 285 25.33 29.48 -17.70
CA PRO A 285 24.81 28.47 -16.79
C PRO A 285 25.89 27.69 -16.11
N SER A 286 26.84 27.21 -16.88
CA SER A 286 27.95 26.39 -16.37
C SER A 286 28.76 27.02 -15.25
N GLN A 287 28.77 28.34 -15.14
CA GLN A 287 29.50 28.99 -14.04
C GLN A 287 28.71 29.10 -12.71
N ARG A 288 27.43 28.82 -12.73
CA ARG A 288 26.67 28.75 -11.49
C ARG A 288 27.25 27.62 -10.67
N PRO A 289 27.03 27.63 -9.33
CA PRO A 289 27.45 26.50 -8.55
C PRO A 289 26.55 25.32 -8.77
N THR A 290 26.96 24.18 -8.25
CA THR A 290 26.10 23.04 -8.24
C THR A 290 25.49 22.88 -6.86
N PHE A 291 24.51 22.00 -6.73
CA PHE A 291 23.88 21.83 -5.47
C PHE A 291 24.86 21.25 -4.46
N LYS A 292 25.69 20.32 -4.92
CA LYS A 292 26.75 19.70 -4.09
C LYS A 292 27.54 20.78 -3.39
N GLN A 293 28.08 21.70 -4.18
CA GLN A 293 28.80 22.84 -3.65
C GLN A 293 27.90 23.57 -2.66
N LEU A 294 26.73 24.04 -3.14
CA LEU A 294 25.81 24.85 -2.32
C LEU A 294 25.42 24.20 -0.99
N VAL A 295 25.22 22.88 -1.00
CA VAL A 295 25.06 22.18 0.27
C VAL A 295 26.28 22.44 1.17
N GLU A 296 27.49 22.25 0.65
CA GLU A 296 28.70 22.38 1.47
C GLU A 296 28.85 23.77 2.03
N ASP A 297 28.57 24.80 1.23
CA ASP A 297 28.60 26.19 1.73
C ASP A 297 27.49 26.44 2.76
N LEU A 298 26.31 25.89 2.56
CA LEU A 298 25.24 26.18 3.49
C LEU A 298 25.46 25.50 4.83
N ASP A 299 26.08 24.33 4.83
CA ASP A 299 26.45 23.69 6.09
C ASP A 299 27.37 24.64 6.87
N ARG A 300 28.40 25.14 6.23
CA ARG A 300 29.34 25.93 7.00
C ARG A 300 28.58 27.10 7.62
N ILE A 301 27.80 27.78 6.78
CA ILE A 301 27.17 29.04 7.12
C ILE A 301 26.15 28.88 8.25
N VAL A 302 25.43 27.78 8.24
CA VAL A 302 24.54 27.45 9.33
C VAL A 302 25.30 27.37 10.65
N ALA A 303 26.40 26.64 10.67
CA ALA A 303 27.27 26.53 11.86
C ALA A 303 27.82 27.88 12.40
N LEU A 304 27.97 28.87 11.52
CA LEU A 304 28.44 30.19 11.89
C LEU A 304 27.27 31.15 12.15
N THR A 305 26.03 30.67 12.11
CA THR A 305 24.93 31.59 12.17
C THR A 305 24.25 31.42 13.52
N SER A 306 23.96 32.57 14.15
CA SER A 306 23.48 32.63 15.55
C SER A 306 21.97 32.60 15.66
N ASN A 307 21.45 31.84 16.64
CA ASN A 307 20.02 31.88 16.99
C ASN A 307 19.47 33.29 17.24
N GLU B 6 -0.59 18.18 -30.82
CA GLU B 6 0.58 19.12 -30.90
C GLU B 6 1.22 19.33 -29.52
N TYR B 7 2.51 19.68 -29.49
CA TYR B 7 3.27 19.71 -28.23
C TYR B 7 4.60 20.48 -28.30
N GLU B 8 5.19 20.72 -27.13
CA GLU B 8 6.55 21.28 -26.99
C GLU B 8 7.27 20.64 -25.80
N LEU B 9 8.55 20.36 -25.98
CA LEU B 9 9.31 19.54 -25.04
C LEU B 9 10.54 20.27 -24.50
N PRO B 10 10.80 20.16 -23.20
CA PRO B 10 12.03 20.81 -22.74
C PRO B 10 13.25 20.16 -23.37
N GLU B 11 14.30 20.93 -23.59
CA GLU B 11 15.56 20.41 -24.14
C GLU B 11 16.62 20.09 -23.04
N ASP B 12 16.99 18.83 -22.94
CA ASP B 12 18.11 18.42 -22.08
C ASP B 12 19.38 18.34 -22.94
N PRO B 13 20.28 19.33 -22.81
CA PRO B 13 21.55 19.31 -23.58
C PRO B 13 22.41 18.07 -23.30
N ARG B 14 22.19 17.43 -22.15
CA ARG B 14 22.93 16.21 -21.91
C ARG B 14 22.65 15.30 -23.09
N TRP B 15 21.38 15.23 -23.52
CA TRP B 15 20.93 14.23 -24.48
C TRP B 15 20.57 14.70 -25.90
N GLU B 16 20.41 16.00 -26.10
CA GLU B 16 19.89 16.46 -27.36
C GLU B 16 20.91 16.32 -28.45
N LEU B 17 20.57 15.55 -29.48
CA LEU B 17 21.31 15.54 -30.74
C LEU B 17 20.50 16.28 -31.83
N PRO B 18 21.13 17.24 -32.53
CA PRO B 18 20.38 17.96 -33.59
C PRO B 18 19.98 17.06 -34.77
N ARG B 19 18.86 17.35 -35.43
CA ARG B 19 18.22 16.40 -36.39
C ARG B 19 19.09 16.04 -37.59
N ASP B 20 19.84 17.03 -38.07
CA ASP B 20 20.75 16.84 -39.19
C ASP B 20 22.00 16.03 -38.88
N ARG B 21 22.14 15.56 -37.64
CA ARG B 21 23.18 14.60 -37.30
C ARG B 21 22.59 13.21 -37.32
N LEU B 22 21.38 13.07 -37.81
CA LEU B 22 20.67 11.81 -37.76
C LEU B 22 20.17 11.36 -39.13
N VAL B 23 20.86 10.37 -39.69
CA VAL B 23 20.57 9.89 -41.03
C VAL B 23 19.68 8.68 -40.89
N LEU B 24 18.39 8.91 -41.15
CA LEU B 24 17.37 7.89 -40.93
C LEU B 24 17.38 6.90 -42.08
N GLY B 25 17.30 5.61 -41.76
CA GLY B 25 17.34 4.55 -42.76
C GLY B 25 16.11 3.64 -42.72
N LYS B 26 16.33 2.34 -42.85
CA LYS B 26 15.24 1.40 -43.06
C LYS B 26 14.39 1.21 -41.83
N PRO B 27 13.06 1.36 -41.98
CA PRO B 27 12.19 0.87 -40.91
C PRO B 27 12.37 -0.61 -40.68
N LEU B 28 11.93 -1.09 -39.52
CA LEU B 28 11.99 -2.52 -39.19
C LEU B 28 10.82 -2.96 -38.29
N GLY B 29 9.61 -2.89 -38.82
CA GLY B 29 8.42 -3.32 -38.11
C GLY B 29 7.88 -2.30 -37.12
N GLU B 30 6.71 -2.62 -36.56
CA GLU B 30 6.02 -1.79 -35.58
C GLU B 30 5.79 -2.63 -34.33
N GLY B 31 6.18 -2.10 -33.17
CA GLY B 31 5.83 -2.75 -31.90
C GLY B 31 4.46 -2.29 -31.40
N ALA B 32 4.15 -2.66 -30.16
CA ALA B 32 2.98 -2.11 -29.46
C ALA B 32 3.26 -0.64 -29.22
N PHE B 33 2.44 0.24 -29.80
CA PHE B 33 2.66 1.70 -29.80
C PHE B 33 4.04 2.13 -30.38
N GLY B 34 4.04 3.13 -31.27
CA GLY B 34 5.27 3.62 -31.91
C GLY B 34 6.01 2.62 -32.80
N GLN B 35 7.14 3.07 -33.38
CA GLN B 35 7.92 2.21 -34.28
C GLN B 35 9.41 2.59 -34.42
N VAL B 36 10.19 1.61 -34.85
CA VAL B 36 11.65 1.71 -34.88
C VAL B 36 12.21 1.77 -36.29
N VAL B 37 13.19 2.63 -36.52
CA VAL B 37 13.90 2.65 -37.80
C VAL B 37 15.40 2.77 -37.55
N LEU B 38 16.20 1.95 -38.24
CA LEU B 38 17.65 1.97 -38.14
C LEU B 38 18.14 3.27 -38.70
N ALA B 39 19.22 3.80 -38.15
CA ALA B 39 19.68 5.13 -38.54
C ALA B 39 21.13 5.25 -38.22
N GLU B 40 21.71 6.39 -38.56
CA GLU B 40 23.11 6.65 -38.34
C GLU B 40 23.30 8.01 -37.68
N ALA B 41 23.95 8.02 -36.52
CA ALA B 41 24.14 9.25 -35.80
C ALA B 41 25.53 9.75 -36.04
N ILE B 42 25.65 11.00 -36.46
CA ILE B 42 26.95 11.61 -36.77
C ILE B 42 27.40 12.38 -35.56
N GLY B 43 28.64 12.17 -35.14
CA GLY B 43 29.08 12.71 -33.85
C GLY B 43 28.82 11.70 -32.75
N LEU B 44 28.05 12.11 -31.74
CA LEU B 44 27.85 11.35 -30.48
C LEU B 44 29.09 11.30 -29.58
N ASP B 45 30.12 12.09 -29.90
CA ASP B 45 31.40 11.96 -29.23
C ASP B 45 32.22 13.19 -29.58
N LYS B 46 33.00 13.67 -28.62
CA LYS B 46 33.81 14.86 -28.82
C LYS B 46 35.07 14.54 -29.59
N ASP B 47 35.91 13.62 -29.11
CA ASP B 47 37.16 13.31 -29.83
C ASP B 47 36.94 12.55 -31.17
N LYS B 48 35.71 12.13 -31.46
CA LYS B 48 35.38 11.62 -32.79
C LYS B 48 34.02 12.16 -33.30
N PRO B 49 33.95 13.48 -33.62
CA PRO B 49 32.73 14.10 -34.15
C PRO B 49 32.57 13.95 -35.67
N ASN B 50 33.44 13.16 -36.31
CA ASN B 50 33.29 12.80 -37.71
C ASN B 50 33.16 11.31 -37.88
N ARG B 51 32.62 10.59 -36.92
CA ARG B 51 32.35 9.19 -37.12
C ARG B 51 30.87 8.99 -36.97
N VAL B 52 30.35 8.13 -37.83
CA VAL B 52 28.97 7.73 -37.74
C VAL B 52 28.91 6.50 -36.87
N THR B 53 27.80 6.42 -36.15
CA THR B 53 27.49 5.29 -35.29
C THR B 53 26.11 4.77 -35.74
N LYS B 54 25.95 3.47 -35.68
CA LYS B 54 24.71 2.88 -36.09
C LYS B 54 23.82 2.83 -34.87
N VAL B 55 22.56 3.20 -35.06
CA VAL B 55 21.62 3.29 -33.96
C VAL B 55 20.22 2.96 -34.45
N ALA B 56 19.47 2.24 -33.60
CA ALA B 56 18.01 2.17 -33.69
C ALA B 56 17.39 3.47 -33.14
N VAL B 57 16.22 3.83 -33.67
CA VAL B 57 15.60 5.14 -33.40
C VAL B 57 14.10 4.99 -33.26
N LYS B 58 13.55 5.24 -32.09
CA LYS B 58 12.13 5.03 -31.88
C LYS B 58 11.35 6.31 -32.02
N MET B 59 10.10 6.18 -32.43
CA MET B 59 9.25 7.32 -32.71
C MET B 59 7.84 6.83 -32.81
N LEU B 60 6.91 7.76 -33.02
CA LEU B 60 5.50 7.43 -33.07
C LEU B 60 5.11 7.04 -34.49
N LYS B 61 4.06 6.21 -34.58
CA LYS B 61 3.42 5.92 -35.85
C LYS B 61 2.59 7.15 -36.23
N SER B 62 2.01 7.13 -37.43
CA SER B 62 1.24 8.28 -37.91
C SER B 62 -0.20 8.32 -37.37
N ASP B 63 -0.63 7.29 -36.63
CA ASP B 63 -1.96 7.27 -36.02
C ASP B 63 -1.88 7.39 -34.51
N ALA B 64 -1.03 8.32 -34.06
CA ALA B 64 -0.55 8.33 -32.68
C ALA B 64 -1.43 9.11 -31.74
N THR B 65 -1.88 8.46 -30.67
CA THR B 65 -2.73 9.10 -29.67
C THR B 65 -1.95 10.13 -28.82
N GLU B 66 -2.67 10.84 -27.97
CA GLU B 66 -2.04 11.70 -26.96
C GLU B 66 -1.21 10.82 -26.01
N LYS B 67 -1.80 9.71 -25.59
CA LYS B 67 -1.15 8.74 -24.71
C LYS B 67 0.14 8.16 -25.31
N ASP B 68 0.08 7.78 -26.58
CA ASP B 68 1.23 7.21 -27.27
C ASP B 68 2.49 8.09 -27.07
N LEU B 69 2.29 9.39 -27.09
CA LEU B 69 3.39 10.33 -26.90
C LEU B 69 3.92 10.28 -25.47
N SER B 70 3.03 10.41 -24.48
CA SER B 70 3.49 10.43 -23.10
C SER B 70 4.10 9.05 -22.72
N ASP B 71 3.65 7.98 -23.34
CA ASP B 71 4.28 6.66 -23.16
C ASP B 71 5.73 6.56 -23.67
N LEU B 72 6.06 7.36 -24.67
CA LEU B 72 7.37 7.29 -25.29
C LEU B 72 8.27 8.18 -24.48
N ILE B 73 7.74 9.31 -24.03
CA ILE B 73 8.52 10.19 -23.21
C ILE B 73 8.83 9.51 -21.89
N SER B 74 7.85 8.84 -21.32
CA SER B 74 8.09 8.00 -20.15
C SER B 74 9.30 7.11 -20.32
N GLU B 75 9.30 6.41 -21.46
CA GLU B 75 10.27 5.36 -21.70
C GLU B 75 11.65 5.98 -21.73
N MET B 76 11.79 7.09 -22.45
CA MET B 76 13.03 7.82 -22.54
C MET B 76 13.47 8.21 -21.13
N GLU B 77 12.55 8.85 -20.40
CA GLU B 77 12.89 9.40 -19.10
C GLU B 77 13.29 8.33 -18.14
N MET B 78 12.68 7.17 -18.22
CA MET B 78 13.07 6.05 -17.38
C MET B 78 14.49 5.57 -17.71
N MET B 79 14.79 5.52 -18.99
CA MET B 79 16.08 5.06 -19.44
C MET B 79 17.17 5.97 -18.90
N LYS B 80 16.92 7.28 -18.93
CA LYS B 80 17.83 8.25 -18.29
C LYS B 80 18.12 7.96 -16.81
N MET B 81 17.11 7.51 -16.07
CA MET B 81 17.23 7.35 -14.63
C MET B 81 17.95 6.05 -14.35
N ILE B 82 17.75 5.07 -15.20
CA ILE B 82 18.33 3.75 -14.99
C ILE B 82 19.85 3.78 -15.22
N GLY B 83 20.31 4.67 -16.09
CA GLY B 83 21.70 4.78 -16.34
C GLY B 83 22.26 3.72 -17.26
N LYS B 84 23.58 3.81 -17.47
CA LYS B 84 24.30 3.05 -18.45
C LYS B 84 24.71 1.72 -17.87
N HIS B 85 24.73 0.68 -18.71
CA HIS B 85 25.28 -0.61 -18.33
C HIS B 85 25.70 -1.42 -19.56
N LYS B 86 26.81 -2.13 -19.45
CA LYS B 86 27.37 -2.88 -20.58
C LYS B 86 26.35 -3.87 -21.17
N ASN B 87 25.61 -4.54 -20.30
CA ASN B 87 24.62 -5.56 -20.68
C ASN B 87 23.15 -5.13 -20.83
N ILE B 88 22.90 -3.85 -21.07
CA ILE B 88 21.58 -3.36 -21.37
C ILE B 88 21.68 -2.45 -22.57
N ILE B 89 20.59 -2.35 -23.31
CA ILE B 89 20.46 -1.45 -24.44
C ILE B 89 20.41 -0.03 -23.84
N ASN B 90 21.35 0.82 -24.27
CA ASN B 90 21.51 2.14 -23.66
C ASN B 90 20.98 3.22 -24.57
N LEU B 91 20.37 4.22 -23.94
CA LEU B 91 20.00 5.47 -24.58
C LEU B 91 21.26 6.22 -24.98
N LEU B 92 21.21 6.93 -26.11
CA LEU B 92 22.38 7.67 -26.62
C LEU B 92 22.07 9.11 -26.95
N GLY B 93 20.80 9.44 -27.08
CA GLY B 93 20.46 10.80 -27.41
C GLY B 93 19.04 10.83 -27.81
N ALA B 94 18.53 12.03 -28.01
CA ALA B 94 17.17 12.25 -28.48
C ALA B 94 17.10 13.47 -29.37
N CYS B 95 16.10 13.51 -30.24
CA CYS B 95 15.75 14.74 -30.97
C CYS B 95 14.40 15.24 -30.50
N THR B 96 14.38 16.30 -29.68
CA THR B 96 13.17 16.74 -29.00
C THR B 96 12.50 17.98 -29.58
N GLN B 97 13.23 18.70 -30.42
CA GLN B 97 12.87 20.06 -30.78
C GLN B 97 12.59 20.19 -32.28
N ASP B 98 11.58 21.00 -32.63
CA ASP B 98 11.30 21.40 -34.03
C ASP B 98 11.18 20.22 -34.99
N GLY B 99 10.32 19.26 -34.67
CA GLY B 99 10.15 18.04 -35.47
C GLY B 99 9.67 16.90 -34.59
N PRO B 100 9.28 15.77 -35.18
CA PRO B 100 8.84 14.64 -34.34
C PRO B 100 9.93 14.12 -33.41
N LEU B 101 9.52 13.49 -32.30
CA LEU B 101 10.42 13.01 -31.24
C LEU B 101 11.12 11.71 -31.65
N TYR B 102 12.45 11.73 -31.63
CA TYR B 102 13.24 10.54 -31.95
C TYR B 102 14.08 10.16 -30.74
N VAL B 103 13.76 9.04 -30.10
CA VAL B 103 14.54 8.53 -29.00
C VAL B 103 15.55 7.56 -29.56
N ILE B 104 16.83 7.70 -29.15
CA ILE B 104 17.96 7.07 -29.84
C ILE B 104 18.76 6.14 -28.96
N VAL B 105 18.90 4.90 -29.41
CA VAL B 105 19.55 3.85 -28.62
C VAL B 105 20.53 2.99 -29.42
N GLU B 106 21.40 2.32 -28.68
CA GLU B 106 22.40 1.39 -29.23
C GLU B 106 21.78 0.36 -30.11
N CYS B 107 22.43 0.14 -31.25
CA CYS B 107 22.08 -0.90 -32.20
C CYS B 107 22.82 -2.18 -31.91
N ALA B 108 22.11 -3.28 -32.14
CA ALA B 108 22.63 -4.62 -31.98
C ALA B 108 22.49 -5.31 -33.32
N SER B 109 23.62 -5.47 -34.01
CA SER B 109 23.65 -5.98 -35.40
C SER B 109 23.18 -7.41 -35.53
N LYS B 110 23.60 -8.27 -34.60
CA LYS B 110 23.31 -9.71 -34.66
C LYS B 110 21.96 -10.16 -34.08
N GLY B 111 20.90 -9.39 -34.31
CA GLY B 111 19.54 -9.80 -33.95
C GLY B 111 19.30 -10.03 -32.46
N ASN B 112 18.44 -11.00 -32.16
CA ASN B 112 18.03 -11.29 -30.79
C ASN B 112 18.47 -12.68 -30.36
N LEU B 113 18.76 -12.86 -29.06
CA LEU B 113 19.39 -14.09 -28.57
C LEU B 113 18.75 -15.42 -29.00
N ARG B 114 17.44 -15.46 -29.19
CA ARG B 114 16.79 -16.69 -29.61
C ARG B 114 17.36 -17.01 -30.99
N GLU B 115 17.14 -16.09 -31.92
CA GLU B 115 17.75 -16.15 -33.26
C GLU B 115 19.24 -16.54 -33.18
N TYR B 116 20.10 -15.59 -32.88
CA TYR B 116 21.55 -15.83 -32.71
C TYR B 116 21.93 -17.27 -32.32
N LEU B 117 21.21 -17.87 -31.36
CA LEU B 117 21.52 -19.25 -30.93
C LEU B 117 21.26 -20.31 -31.99
N GLN B 118 20.05 -20.29 -32.57
CA GLN B 118 19.68 -21.21 -33.67
C GLN B 118 20.72 -21.27 -34.79
N ALA B 119 20.99 -20.11 -35.41
CA ALA B 119 21.98 -20.04 -36.47
C ALA B 119 23.42 -20.23 -35.97
N ARG B 120 23.60 -20.76 -34.76
CA ARG B 120 24.90 -21.26 -34.31
C ARG B 120 24.80 -22.66 -33.67
N ARG B 121 23.81 -23.43 -34.14
CA ARG B 121 23.70 -24.86 -33.87
C ARG B 121 24.77 -25.61 -34.68
N PRO B 122 25.19 -26.81 -34.22
CA PRO B 122 26.05 -27.68 -35.04
C PRO B 122 25.45 -28.00 -36.42
N GLU B 136 27.86 -17.61 -37.60
CA GLU B 136 27.66 -19.00 -38.00
C GLU B 136 28.48 -20.02 -37.18
N GLU B 137 29.65 -19.59 -36.68
CA GLU B 137 30.52 -20.48 -35.89
C GLU B 137 29.81 -21.05 -34.68
N GLN B 138 29.98 -22.35 -34.47
CA GLN B 138 29.44 -23.02 -33.27
C GLN B 138 29.85 -22.33 -31.96
N LEU B 139 29.04 -22.59 -30.93
CA LEU B 139 29.26 -21.99 -29.61
C LEU B 139 29.84 -23.00 -28.64
N SER B 140 30.97 -22.66 -28.03
CA SER B 140 31.58 -23.55 -27.05
C SER B 140 30.68 -23.71 -25.83
N SER B 141 31.14 -24.50 -24.87
CA SER B 141 30.40 -24.62 -23.62
C SER B 141 30.53 -23.32 -22.80
N LYS B 142 31.73 -22.75 -22.82
CA LYS B 142 32.02 -21.48 -22.16
C LYS B 142 31.25 -20.30 -22.81
N ASP B 143 30.87 -20.44 -24.07
CA ASP B 143 30.05 -19.43 -24.72
C ASP B 143 28.71 -19.33 -24.03
N LEU B 144 27.94 -20.41 -24.09
CA LEU B 144 26.59 -20.48 -23.54
C LEU B 144 26.45 -20.01 -22.09
N VAL B 145 27.49 -20.22 -21.29
CA VAL B 145 27.45 -19.85 -19.90
C VAL B 145 27.72 -18.36 -19.79
N SER B 146 28.76 -17.89 -20.48
CA SER B 146 29.03 -16.45 -20.52
C SER B 146 27.74 -15.76 -20.98
N CYS B 147 27.20 -16.19 -22.10
CA CYS B 147 25.90 -15.68 -22.57
C CYS B 147 24.93 -15.52 -21.39
N ALA B 148 24.76 -16.58 -20.61
CA ALA B 148 23.88 -16.50 -19.43
C ALA B 148 24.41 -15.59 -18.32
N TYR B 149 25.71 -15.54 -18.13
CA TYR B 149 26.28 -14.66 -17.12
C TYR B 149 25.82 -13.27 -17.45
N GLN B 150 26.23 -12.83 -18.64
CA GLN B 150 25.94 -11.49 -19.15
C GLN B 150 24.49 -11.04 -18.95
N VAL B 151 23.57 -11.96 -19.11
CA VAL B 151 22.20 -11.61 -18.89
C VAL B 151 21.93 -11.34 -17.40
N ALA B 152 22.25 -12.31 -16.55
CA ALA B 152 22.15 -12.14 -15.10
C ALA B 152 22.68 -10.79 -14.65
N ARG B 153 23.86 -10.45 -15.12
CA ARG B 153 24.43 -9.16 -14.78
C ARG B 153 23.55 -8.02 -15.28
N GLY B 154 23.01 -8.15 -16.48
CA GLY B 154 22.15 -7.12 -17.00
C GLY B 154 20.94 -6.93 -16.11
N MET B 155 20.47 -8.04 -15.54
CA MET B 155 19.28 -8.02 -14.70
C MET B 155 19.60 -7.66 -13.23
N GLU B 156 20.76 -8.07 -12.73
CA GLU B 156 21.24 -7.60 -11.45
C GLU B 156 21.15 -6.08 -11.51
N TYR B 157 21.75 -5.52 -12.56
CA TYR B 157 21.91 -4.07 -12.66
C TYR B 157 20.56 -3.44 -12.59
N LEU B 158 19.72 -3.79 -13.56
CA LEU B 158 18.36 -3.26 -13.64
C LEU B 158 17.63 -3.41 -12.30
N ALA B 159 17.64 -4.60 -11.72
CA ALA B 159 17.04 -4.76 -10.40
C ALA B 159 17.59 -3.73 -9.38
N SER B 160 18.92 -3.58 -9.29
CA SER B 160 19.54 -2.63 -8.36
C SER B 160 18.96 -1.24 -8.51
N LYS B 161 18.55 -0.93 -9.72
CA LYS B 161 17.99 0.36 -10.06
C LYS B 161 16.47 0.32 -10.01
N LYS B 162 15.93 -0.71 -9.35
CA LYS B 162 14.49 -0.86 -9.14
C LYS B 162 13.69 -1.26 -10.39
N CYS B 163 14.35 -1.44 -11.53
CA CYS B 163 13.65 -1.84 -12.72
C CYS B 163 13.28 -3.31 -12.62
N ILE B 164 11.99 -3.59 -12.81
CA ILE B 164 11.47 -4.93 -12.99
C ILE B 164 11.00 -5.11 -14.45
N HIS B 165 11.35 -6.24 -15.06
CA HIS B 165 11.22 -6.41 -16.48
C HIS B 165 9.81 -6.83 -16.86
N ARG B 166 9.34 -7.92 -16.25
CA ARG B 166 7.98 -8.46 -16.51
C ARG B 166 7.86 -9.41 -17.73
N ASP B 167 8.75 -9.23 -18.71
CA ASP B 167 8.76 -10.02 -19.93
C ASP B 167 10.16 -10.48 -20.35
N LEU B 168 10.96 -11.01 -19.42
CA LEU B 168 12.34 -11.44 -19.75
C LEU B 168 12.32 -12.78 -20.50
N ALA B 169 13.07 -12.88 -21.59
CA ALA B 169 12.79 -13.88 -22.62
C ALA B 169 13.76 -13.68 -23.78
N ALA B 170 14.43 -14.74 -24.22
CA ALA B 170 15.48 -14.63 -25.24
C ALA B 170 15.19 -13.63 -26.34
N ARG B 171 13.95 -13.59 -26.83
CA ARG B 171 13.57 -12.58 -27.83
C ARG B 171 13.94 -11.17 -27.37
N ASN B 172 13.81 -10.92 -26.07
CA ASN B 172 14.13 -9.62 -25.46
C ASN B 172 15.55 -9.47 -24.94
N VAL B 173 16.44 -10.43 -25.22
CA VAL B 173 17.88 -10.13 -25.20
C VAL B 173 18.42 -9.95 -26.63
N LEU B 174 19.21 -8.90 -26.83
CA LEU B 174 19.85 -8.63 -28.09
C LEU B 174 21.35 -8.83 -27.99
N VAL B 175 21.94 -9.05 -29.17
CA VAL B 175 23.34 -9.47 -29.29
C VAL B 175 24.09 -8.53 -30.23
N THR B 176 25.16 -7.92 -29.73
CA THR B 176 25.90 -6.92 -30.51
C THR B 176 26.95 -7.58 -31.40
N GLU B 177 27.52 -6.79 -32.29
CA GLU B 177 28.49 -7.33 -33.26
C GLU B 177 29.53 -8.17 -32.56
N ASP B 178 29.97 -7.76 -31.37
CA ASP B 178 31.00 -8.49 -30.67
C ASP B 178 30.46 -9.36 -29.52
N ASN B 179 29.24 -9.86 -29.69
CA ASN B 179 28.65 -10.84 -28.76
C ASN B 179 28.53 -10.40 -27.30
N VAL B 180 28.27 -9.11 -27.08
CA VAL B 180 27.84 -8.64 -25.76
C VAL B 180 26.33 -8.81 -25.72
N MET B 181 25.83 -9.35 -24.61
CA MET B 181 24.42 -9.58 -24.44
C MET B 181 23.83 -8.33 -23.82
N LYS B 182 22.77 -7.82 -24.45
CA LYS B 182 22.13 -6.63 -23.95
C LYS B 182 20.65 -6.86 -23.80
N ILE B 183 20.14 -6.60 -22.60
CA ILE B 183 18.70 -6.69 -22.30
C ILE B 183 17.87 -5.58 -22.91
N ALA B 184 16.68 -5.90 -23.38
CA ALA B 184 15.89 -4.91 -24.12
C ALA B 184 14.49 -4.74 -23.57
N ASP B 185 13.85 -3.63 -23.95
CA ASP B 185 12.47 -3.34 -23.56
C ASP B 185 12.24 -3.57 -22.07
N PHE B 186 13.04 -2.88 -21.25
CA PHE B 186 12.99 -3.00 -19.79
C PHE B 186 12.23 -1.80 -19.21
N GLY B 187 12.47 -0.61 -19.74
CA GLY B 187 11.85 0.60 -19.20
C GLY B 187 10.49 0.80 -19.80
N LEU B 188 9.70 -0.27 -19.83
CA LEU B 188 8.46 -0.30 -20.60
C LEU B 188 7.30 -0.11 -19.63
N ALA B 189 6.13 0.16 -20.21
CA ALA B 189 4.86 0.09 -19.49
C ALA B 189 3.88 -0.76 -20.30
N ARG B 190 3.24 -1.73 -19.66
CA ARG B 190 2.24 -2.58 -20.31
C ARG B 190 0.96 -2.55 -19.47
N ASP B 191 -0.08 -3.22 -19.97
CA ASP B 191 -1.37 -3.33 -19.26
C ASP B 191 -1.75 -4.81 -19.13
N ILE B 195 -5.72 -8.38 -21.94
CA ILE B 195 -4.56 -9.26 -21.76
C ILE B 195 -4.86 -10.68 -22.27
N ASP B 196 -4.67 -10.86 -23.58
CA ASP B 196 -4.94 -12.12 -24.24
C ASP B 196 -3.76 -13.06 -24.02
N TYR B 197 -3.98 -14.16 -23.30
CA TYR B 197 -2.91 -15.11 -23.05
C TYR B 197 -2.71 -16.06 -24.22
N TYR B 198 -3.25 -15.69 -25.39
CA TYR B 198 -3.34 -16.56 -26.57
C TYR B 198 -2.61 -15.99 -27.81
N LYS B 199 -3.01 -14.79 -28.27
CA LYS B 199 -2.38 -14.13 -29.42
C LYS B 199 -0.86 -14.17 -29.27
N LYS B 200 -0.18 -14.83 -30.20
CA LYS B 200 1.19 -15.30 -29.98
C LYS B 200 2.20 -14.22 -30.33
N THR B 201 3.47 -14.51 -30.04
CA THR B 201 4.59 -13.69 -30.52
C THR B 201 4.72 -13.89 -32.05
N THR B 202 5.80 -13.39 -32.64
CA THR B 202 6.08 -13.65 -34.05
C THR B 202 6.44 -15.13 -34.24
N ASN B 203 7.62 -15.53 -33.75
CA ASN B 203 8.09 -16.93 -33.80
C ASN B 203 6.95 -17.96 -33.70
N GLY B 204 5.98 -17.70 -32.81
CA GLY B 204 4.82 -18.57 -32.63
C GLY B 204 4.74 -19.26 -31.28
N ARG B 205 5.52 -18.79 -30.31
CA ARG B 205 5.39 -19.20 -28.90
C ARG B 205 4.54 -18.19 -28.12
N LEU B 206 4.27 -18.51 -26.86
CA LEU B 206 3.38 -17.71 -26.01
C LEU B 206 4.15 -17.05 -24.85
N PRO B 207 3.92 -15.75 -24.63
CA PRO B 207 4.59 -15.03 -23.54
C PRO B 207 4.37 -15.60 -22.14
N VAL B 208 3.26 -16.31 -21.95
CA VAL B 208 2.94 -16.91 -20.65
C VAL B 208 3.89 -18.04 -20.26
N LYS B 209 4.55 -18.64 -21.24
CA LYS B 209 5.45 -19.75 -20.94
C LYS B 209 6.66 -19.23 -20.16
N TRP B 210 6.87 -17.91 -20.16
CA TRP B 210 7.94 -17.34 -19.37
C TRP B 210 7.47 -16.79 -18.02
N MET B 211 6.16 -16.51 -17.89
CA MET B 211 5.58 -15.95 -16.66
C MET B 211 5.64 -16.92 -15.50
N ALA B 212 5.93 -16.39 -14.32
CA ALA B 212 5.91 -17.20 -13.09
C ALA B 212 4.47 -17.31 -12.63
N PRO B 213 4.19 -18.28 -11.75
CA PRO B 213 2.82 -18.56 -11.34
C PRO B 213 2.07 -17.37 -10.72
N GLU B 214 2.68 -16.73 -9.71
CA GLU B 214 2.07 -15.57 -9.04
C GLU B 214 1.69 -14.45 -10.01
N ALA B 215 2.55 -14.21 -11.00
CA ALA B 215 2.32 -13.20 -12.01
C ALA B 215 1.16 -13.60 -12.89
N LEU B 216 1.15 -14.88 -13.22
CA LEU B 216 0.15 -15.43 -14.12
C LEU B 216 -1.20 -15.41 -13.47
N PHE B 217 -1.30 -16.07 -12.32
CA PHE B 217 -2.56 -16.22 -11.61
C PHE B 217 -2.97 -14.92 -10.89
N ASP B 218 -2.06 -14.32 -10.12
CA ASP B 218 -2.42 -13.17 -9.26
C ASP B 218 -1.92 -11.78 -9.67
N ARG B 219 -1.35 -11.62 -10.87
CA ARG B 219 -0.85 -10.30 -11.29
C ARG B 219 0.38 -9.73 -10.49
N ILE B 220 1.07 -10.59 -9.72
CA ILE B 220 2.09 -10.18 -8.74
C ILE B 220 3.53 -10.18 -9.29
N TYR B 221 3.94 -9.05 -9.87
CA TYR B 221 5.27 -8.95 -10.54
C TYR B 221 6.39 -8.39 -9.65
N THR B 222 7.48 -9.14 -9.57
CA THR B 222 8.62 -8.79 -8.72
C THR B 222 9.90 -9.34 -9.30
N HIS B 223 11.04 -8.84 -8.84
CA HIS B 223 12.36 -9.39 -9.19
C HIS B 223 12.38 -10.90 -9.16
N GLN B 224 11.86 -11.46 -8.08
CA GLN B 224 11.68 -12.89 -7.99
C GLN B 224 10.95 -13.37 -9.24
N SER B 225 9.82 -12.79 -9.59
CA SER B 225 9.04 -13.28 -10.73
C SER B 225 9.85 -13.22 -12.03
N ASP B 226 10.67 -12.19 -12.19
CA ASP B 226 11.62 -12.13 -13.32
C ASP B 226 12.63 -13.26 -13.23
N VAL B 227 12.97 -13.68 -12.02
CA VAL B 227 13.97 -14.73 -11.87
C VAL B 227 13.39 -16.03 -12.42
N TRP B 228 12.07 -16.19 -12.33
CA TRP B 228 11.42 -17.31 -13.01
C TRP B 228 11.61 -17.19 -14.53
N SER B 229 11.29 -16.02 -15.05
CA SER B 229 11.53 -15.77 -16.44
C SER B 229 12.96 -16.08 -16.84
N PHE B 230 13.92 -15.80 -15.96
CA PHE B 230 15.32 -16.07 -16.28
C PHE B 230 15.61 -17.56 -16.35
N GLY B 231 15.01 -18.32 -15.45
CA GLY B 231 15.13 -19.77 -15.49
C GLY B 231 14.71 -20.28 -16.86
N VAL B 232 13.48 -19.97 -17.27
CA VAL B 232 12.98 -20.33 -18.60
C VAL B 232 13.96 -19.89 -19.70
N LEU B 233 14.52 -18.70 -19.56
CA LEU B 233 15.51 -18.22 -20.50
C LEU B 233 16.78 -19.07 -20.53
N LEU B 234 17.27 -19.50 -19.38
CA LEU B 234 18.45 -20.37 -19.38
C LEU B 234 18.16 -21.62 -20.24
N TRP B 235 17.01 -22.23 -20.02
CA TRP B 235 16.56 -23.34 -20.84
C TRP B 235 16.74 -22.93 -22.29
N GLU B 236 16.00 -21.90 -22.74
CA GLU B 236 16.17 -21.36 -24.08
C GLU B 236 17.63 -21.37 -24.53
N ILE B 237 18.53 -20.90 -23.66
CA ILE B 237 19.95 -20.86 -23.98
C ILE B 237 20.47 -22.26 -24.23
N PHE B 238 20.31 -23.14 -23.26
CA PHE B 238 20.91 -24.47 -23.37
C PHE B 238 20.15 -25.45 -24.26
N THR B 239 19.02 -25.03 -24.83
CA THR B 239 18.45 -25.69 -26.00
C THR B 239 18.75 -24.91 -27.27
N LEU B 240 19.86 -24.18 -27.27
CA LEU B 240 20.21 -23.38 -28.43
C LEU B 240 18.94 -22.85 -29.13
N GLY B 241 18.04 -22.27 -28.33
CA GLY B 241 16.89 -21.56 -28.87
C GLY B 241 15.60 -22.34 -28.87
N GLY B 242 15.47 -23.29 -27.96
CA GLY B 242 14.29 -24.15 -27.93
C GLY B 242 13.00 -23.46 -27.51
N SER B 243 11.88 -24.07 -27.88
CA SER B 243 10.56 -23.58 -27.56
C SER B 243 10.10 -24.28 -26.28
N PRO B 244 9.98 -23.51 -25.19
CA PRO B 244 9.72 -24.13 -23.91
C PRO B 244 8.34 -24.74 -23.89
N TYR B 245 8.18 -25.83 -23.13
CA TYR B 245 6.90 -26.56 -23.02
C TYR B 245 6.40 -26.96 -24.41
N PRO B 246 7.19 -27.80 -25.12
CA PRO B 246 6.97 -28.01 -26.55
C PRO B 246 5.66 -28.70 -26.81
N GLY B 247 4.75 -27.99 -27.49
CA GLY B 247 3.41 -28.48 -27.87
C GLY B 247 2.40 -28.70 -26.75
N VAL B 248 2.54 -27.93 -25.68
CA VAL B 248 1.56 -27.94 -24.58
C VAL B 248 0.72 -26.70 -24.74
N PRO B 249 -0.62 -26.82 -24.72
CA PRO B 249 -1.44 -25.60 -24.82
C PRO B 249 -1.62 -24.91 -23.47
N VAL B 250 -1.92 -23.61 -23.51
CA VAL B 250 -2.17 -22.78 -22.32
C VAL B 250 -2.87 -23.55 -21.20
N GLU B 251 -4.11 -23.99 -21.47
CA GLU B 251 -4.96 -24.59 -20.44
C GLU B 251 -4.24 -25.68 -19.66
N GLU B 252 -3.47 -26.50 -20.37
CA GLU B 252 -2.72 -27.62 -19.76
C GLU B 252 -1.55 -27.12 -18.91
N LEU B 253 -1.02 -25.96 -19.26
CA LEU B 253 0.07 -25.34 -18.50
C LEU B 253 -0.41 -24.91 -17.11
N PHE B 254 -1.55 -24.21 -17.06
CA PHE B 254 -2.12 -23.77 -15.77
C PHE B 254 -2.01 -24.89 -14.74
N LYS B 255 -2.58 -26.03 -15.09
CA LYS B 255 -2.58 -27.23 -14.26
C LYS B 255 -1.16 -27.77 -13.99
N LEU B 256 -0.31 -27.77 -15.02
CA LEU B 256 1.06 -28.29 -14.88
C LEU B 256 1.84 -27.58 -13.79
N LEU B 257 1.72 -26.25 -13.77
CA LEU B 257 2.40 -25.39 -12.79
C LEU B 257 1.75 -25.58 -11.42
N LYS B 258 0.43 -25.41 -11.37
CA LYS B 258 -0.34 -25.75 -10.17
C LYS B 258 0.21 -27.03 -9.52
N GLU B 259 0.36 -28.07 -10.33
CA GLU B 259 0.74 -29.38 -9.85
C GLU B 259 2.22 -29.52 -9.51
N GLY B 260 3.02 -28.50 -9.81
CA GLY B 260 4.43 -28.52 -9.48
C GLY B 260 5.32 -29.23 -10.48
N HIS B 261 4.91 -29.25 -11.76
CA HIS B 261 5.71 -29.83 -12.85
C HIS B 261 6.73 -28.82 -13.43
N ARG B 262 7.89 -29.34 -13.83
CA ARG B 262 8.99 -28.55 -14.36
C ARG B 262 9.50 -29.10 -15.70
N MET B 263 9.84 -28.21 -16.63
CA MET B 263 10.50 -28.64 -17.86
C MET B 263 11.66 -29.57 -17.52
N ASP B 264 11.84 -30.56 -18.40
CA ASP B 264 12.89 -31.55 -18.24
C ASP B 264 14.22 -30.94 -18.62
N LYS B 265 15.30 -31.52 -18.11
CA LYS B 265 16.61 -31.07 -18.51
C LYS B 265 16.70 -31.28 -20.03
N PRO B 266 17.24 -30.28 -20.75
CA PRO B 266 17.70 -30.60 -22.10
C PRO B 266 19.08 -31.27 -22.06
N SER B 267 19.32 -32.15 -23.02
CA SER B 267 20.59 -32.87 -23.10
C SER B 267 21.74 -31.90 -23.41
N ASN B 268 22.96 -32.28 -23.02
CA ASN B 268 24.14 -31.40 -23.12
C ASN B 268 24.02 -30.16 -22.21
N CYS B 269 23.41 -30.36 -21.04
CA CYS B 269 23.29 -29.33 -20.01
C CYS B 269 23.66 -29.97 -18.67
N THR B 270 24.63 -29.38 -17.97
CA THR B 270 25.13 -30.01 -16.75
C THR B 270 24.03 -30.05 -15.69
N ASN B 271 24.19 -30.92 -14.70
CA ASN B 271 23.24 -31.03 -13.58
C ASN B 271 23.15 -29.72 -12.79
N GLU B 272 24.31 -29.11 -12.57
CA GLU B 272 24.41 -27.85 -11.83
C GLU B 272 23.61 -26.71 -12.48
N LEU B 273 23.54 -26.72 -13.80
CA LEU B 273 22.74 -25.75 -14.52
C LEU B 273 21.27 -26.16 -14.55
N TYR B 274 20.96 -27.41 -14.22
CA TYR B 274 19.57 -27.77 -13.97
C TYR B 274 19.23 -27.33 -12.54
N MET B 275 20.09 -27.64 -11.56
CA MET B 275 19.94 -27.13 -10.19
C MET B 275 19.44 -25.69 -10.27
N MET B 276 20.27 -24.86 -10.91
CA MET B 276 20.01 -23.44 -11.06
C MET B 276 18.65 -23.21 -11.69
N MET B 277 18.41 -23.82 -12.85
CA MET B 277 17.13 -23.63 -13.57
C MET B 277 15.90 -23.91 -12.72
N ARG B 278 16.06 -24.83 -11.78
CA ARG B 278 14.95 -25.28 -10.94
C ARG B 278 14.79 -24.28 -9.82
N ASP B 279 15.91 -23.89 -9.23
CA ASP B 279 15.89 -22.87 -8.19
C ASP B 279 15.09 -21.66 -8.67
N CYS B 280 15.37 -21.20 -9.88
CA CYS B 280 14.60 -20.11 -10.51
C CYS B 280 13.14 -20.46 -10.73
N TRP B 281 12.78 -21.73 -10.61
CA TRP B 281 11.41 -22.15 -10.78
C TRP B 281 10.77 -22.61 -9.46
N HIS B 282 11.48 -22.45 -8.35
CA HIS B 282 10.91 -22.77 -7.05
C HIS B 282 9.53 -22.07 -6.86
N ALA B 283 8.59 -22.73 -6.20
CA ALA B 283 7.20 -22.24 -6.12
C ALA B 283 7.07 -20.97 -5.30
N VAL B 284 7.63 -20.99 -4.10
CA VAL B 284 7.71 -19.82 -3.21
C VAL B 284 8.77 -18.79 -3.65
N PRO B 285 8.30 -17.65 -4.22
CA PRO B 285 9.21 -16.67 -4.80
C PRO B 285 10.43 -16.40 -3.93
N SER B 286 10.21 -16.23 -2.62
CA SER B 286 11.27 -15.87 -1.69
C SER B 286 12.31 -16.99 -1.47
N GLN B 287 12.10 -18.16 -2.06
CA GLN B 287 13.10 -19.22 -1.98
C GLN B 287 13.88 -19.30 -3.28
N ARG B 288 13.59 -18.43 -4.24
CA ARG B 288 14.34 -18.41 -5.49
C ARG B 288 15.61 -17.66 -5.23
N PRO B 289 16.62 -17.87 -6.09
CA PRO B 289 17.85 -17.13 -5.89
C PRO B 289 17.69 -15.72 -6.45
N THR B 290 18.49 -14.79 -5.96
CA THR B 290 18.41 -13.43 -6.46
C THR B 290 19.38 -13.28 -7.61
N PHE B 291 19.04 -12.42 -8.57
CA PHE B 291 19.96 -12.10 -9.67
C PHE B 291 21.40 -11.92 -9.21
N LYS B 292 21.59 -11.34 -8.02
CA LYS B 292 22.92 -11.17 -7.41
C LYS B 292 23.69 -12.49 -7.26
N GLN B 293 23.08 -13.50 -6.64
CA GLN B 293 23.68 -14.85 -6.53
C GLN B 293 23.90 -15.44 -7.92
N LEU B 294 22.81 -15.61 -8.69
CA LEU B 294 22.89 -16.06 -10.08
C LEU B 294 24.07 -15.46 -10.87
N VAL B 295 24.46 -14.24 -10.56
CA VAL B 295 25.67 -13.68 -11.14
C VAL B 295 26.88 -14.39 -10.50
N GLU B 296 27.07 -14.21 -9.20
CA GLU B 296 28.15 -14.89 -8.47
C GLU B 296 28.31 -16.35 -8.91
N ASP B 297 27.22 -17.11 -8.89
CA ASP B 297 27.30 -18.53 -9.29
C ASP B 297 27.80 -18.69 -10.73
N LEU B 298 27.19 -17.98 -11.66
CA LEU B 298 27.59 -18.10 -13.04
C LEU B 298 29.02 -17.59 -13.28
N ASP B 299 29.51 -16.65 -12.46
CA ASP B 299 30.91 -16.19 -12.61
C ASP B 299 31.91 -17.31 -12.29
N ARG B 300 31.59 -18.10 -11.26
CA ARG B 300 32.37 -19.28 -10.87
C ARG B 300 32.27 -20.37 -11.94
N ILE B 301 31.04 -20.70 -12.34
CA ILE B 301 30.83 -21.65 -13.44
C ILE B 301 31.52 -21.25 -14.75
N VAL B 302 31.36 -19.99 -15.16
CA VAL B 302 32.08 -19.49 -16.33
C VAL B 302 33.52 -19.98 -16.27
N ALA B 303 34.22 -19.64 -15.19
CA ALA B 303 35.64 -19.96 -15.01
C ALA B 303 35.90 -21.43 -15.24
N LEU B 304 35.22 -22.25 -14.45
CA LEU B 304 35.47 -23.69 -14.43
C LEU B 304 34.68 -24.44 -15.51
N THR B 305 34.63 -23.88 -16.72
CA THR B 305 33.94 -24.51 -17.85
C THR B 305 34.86 -24.51 -19.07
N SER B 306 35.18 -25.70 -19.56
CA SER B 306 36.06 -25.87 -20.72
C SER B 306 35.30 -25.71 -22.03
N ASN B 307 35.98 -25.21 -23.06
CA ASN B 307 35.36 -24.89 -24.36
C ASN B 307 34.67 -26.10 -25.02
N TYR C 7 -37.10 13.34 13.20
CA TYR C 7 -36.69 13.44 14.61
C TYR C 7 -35.24 14.04 14.74
N GLU C 8 -34.80 14.31 15.97
CA GLU C 8 -33.37 14.31 16.33
C GLU C 8 -33.29 13.27 17.40
N LEU C 9 -32.09 13.04 17.92
CA LEU C 9 -31.92 12.38 19.22
C LEU C 9 -31.18 13.31 20.16
N PRO C 10 -31.38 13.16 21.47
CA PRO C 10 -30.55 14.01 22.35
C PRO C 10 -29.09 13.62 22.24
N GLU C 11 -28.15 14.57 22.25
CA GLU C 11 -26.73 14.14 22.23
C GLU C 11 -26.38 13.90 23.69
N ASP C 12 -25.46 12.97 23.91
CA ASP C 12 -24.76 12.78 25.17
C ASP C 12 -23.29 12.87 24.76
N PRO C 13 -22.71 14.05 24.89
CA PRO C 13 -21.34 14.26 24.44
C PRO C 13 -20.34 13.23 25.00
N ARG C 14 -20.37 13.04 26.31
CA ARG C 14 -19.69 11.93 26.96
C ARG C 14 -19.51 10.74 25.99
N TRP C 15 -20.63 10.21 25.49
CA TRP C 15 -20.68 9.02 24.62
C TRP C 15 -20.55 9.19 23.08
N GLU C 16 -20.62 10.42 22.57
CA GLU C 16 -20.67 10.59 21.12
C GLU C 16 -19.32 10.36 20.48
N LEU C 17 -19.33 9.70 19.31
CA LEU C 17 -18.13 9.57 18.48
C LEU C 17 -18.45 10.13 17.09
N PRO C 18 -17.52 10.92 16.51
CA PRO C 18 -17.76 11.45 15.17
C PRO C 18 -17.79 10.36 14.12
N ARG C 19 -18.67 10.45 13.12
CA ARG C 19 -18.88 9.30 12.22
C ARG C 19 -17.60 9.02 11.42
N ASP C 20 -16.85 10.06 11.06
CA ASP C 20 -15.55 9.88 10.41
C ASP C 20 -14.45 9.22 11.27
N ARG C 21 -14.83 8.73 12.46
CA ARG C 21 -13.92 8.01 13.36
C ARG C 21 -14.25 6.53 13.41
N LEU C 22 -15.23 6.11 12.64
CA LEU C 22 -15.78 4.77 12.71
C LEU C 22 -15.71 4.16 11.32
N VAL C 23 -15.03 3.04 11.19
CA VAL C 23 -14.85 2.44 9.88
C VAL C 23 -15.57 1.11 9.89
N LEU C 24 -16.73 1.10 9.25
CA LEU C 24 -17.58 -0.08 9.24
C LEU C 24 -16.99 -1.15 8.34
N GLY C 25 -17.36 -2.40 8.58
CA GLY C 25 -16.82 -3.52 7.85
C GLY C 25 -17.76 -4.70 7.77
N LYS C 26 -17.22 -5.91 7.95
CA LYS C 26 -17.93 -7.13 7.61
C LYS C 26 -19.14 -7.36 8.49
N PRO C 27 -20.35 -7.27 7.90
CA PRO C 27 -21.54 -7.52 8.71
C PRO C 27 -21.53 -8.92 9.26
N LEU C 28 -22.10 -9.13 10.45
CA LEU C 28 -22.30 -10.50 10.97
C LEU C 28 -23.74 -10.78 11.53
N GLY C 29 -24.70 -10.80 10.60
CA GLY C 29 -26.06 -11.31 10.86
C GLY C 29 -27.09 -10.31 11.35
N GLU C 30 -28.25 -10.28 10.69
CA GLU C 30 -29.38 -9.43 11.11
C GLU C 30 -30.19 -10.15 12.20
N GLY C 31 -29.58 -10.35 13.37
CA GLY C 31 -30.16 -11.18 14.43
C GLY C 31 -31.50 -10.69 14.97
N ALA C 32 -31.81 -11.05 16.21
CA ALA C 32 -33.06 -10.62 16.87
C ALA C 32 -33.12 -9.09 16.93
N PHE C 33 -33.74 -8.49 15.93
CA PHE C 33 -33.85 -7.02 15.74
C PHE C 33 -32.47 -6.34 15.57
N GLY C 34 -32.37 -5.52 14.52
CA GLY C 34 -31.12 -4.89 14.12
C GLY C 34 -30.12 -5.80 13.41
N GLN C 35 -29.03 -5.20 12.94
CA GLN C 35 -27.85 -5.96 12.50
C GLN C 35 -26.58 -5.50 13.22
N VAL C 36 -25.60 -6.38 13.29
CA VAL C 36 -24.33 -6.08 13.94
C VAL C 36 -23.20 -6.18 12.91
N VAL C 37 -22.39 -5.14 12.80
CA VAL C 37 -21.25 -5.14 11.86
C VAL C 37 -19.97 -4.82 12.64
N LEU C 38 -18.88 -5.46 12.25
CA LEU C 38 -17.59 -5.20 12.89
C LEU C 38 -17.10 -3.89 12.36
N ALA C 39 -16.31 -3.21 13.17
CA ALA C 39 -15.71 -2.00 12.73
C ALA C 39 -14.41 -1.72 13.46
N GLU C 40 -13.77 -0.63 13.05
CA GLU C 40 -12.66 -0.09 13.76
C GLU C 40 -12.95 1.35 14.02
N ALA C 41 -12.80 1.75 15.28
CA ALA C 41 -12.98 3.13 15.68
C ALA C 41 -11.60 3.69 15.79
N ILE C 42 -11.42 4.90 15.33
CA ILE C 42 -10.17 5.64 15.45
C ILE C 42 -10.36 6.66 16.55
N GLY C 43 -9.35 6.88 17.38
CA GLY C 43 -9.55 7.64 18.60
C GLY C 43 -10.25 6.72 19.59
N LEU C 44 -11.35 7.19 20.16
CA LEU C 44 -11.98 6.63 21.39
C LEU C 44 -11.27 7.10 22.65
N ASP C 45 -10.32 8.01 22.50
CA ASP C 45 -9.35 8.28 23.54
C ASP C 45 -8.52 9.51 23.14
N LYS C 46 -8.47 10.51 24.01
CA LYS C 46 -7.54 11.62 23.81
C LYS C 46 -6.10 11.10 24.06
N ASP C 47 -5.91 10.37 25.16
CA ASP C 47 -4.62 9.75 25.51
C ASP C 47 -3.94 9.15 24.26
N LYS C 48 -4.74 8.44 23.46
CA LYS C 48 -4.24 7.81 22.25
C LYS C 48 -5.31 8.00 21.17
N PRO C 49 -5.17 9.06 20.33
CA PRO C 49 -6.18 9.42 19.32
C PRO C 49 -5.77 8.98 17.91
N ASN C 50 -4.73 8.15 17.83
CA ASN C 50 -4.25 7.64 16.57
C ASN C 50 -4.24 6.14 16.56
N ARG C 51 -4.78 5.51 17.60
CA ARG C 51 -4.85 4.07 17.66
C ARG C 51 -6.26 3.63 17.26
N VAL C 52 -6.33 2.53 16.51
CA VAL C 52 -7.58 1.96 16.08
C VAL C 52 -7.92 0.75 16.94
N THR C 53 -9.12 0.79 17.50
CA THR C 53 -9.66 -0.23 18.33
C THR C 53 -10.71 -0.99 17.53
N LYS C 54 -10.72 -2.31 17.60
CA LYS C 54 -11.78 -3.06 16.95
C LYS C 54 -13.02 -3.02 17.84
N VAL C 55 -14.20 -3.00 17.20
CA VAL C 55 -15.49 -2.86 17.90
C VAL C 55 -16.63 -3.53 17.14
N ALA C 56 -17.68 -3.90 17.86
CA ALA C 56 -18.92 -4.28 17.22
C ALA C 56 -19.83 -3.06 17.23
N VAL C 57 -20.77 -3.05 16.30
CA VAL C 57 -21.63 -1.91 16.09
C VAL C 57 -23.02 -2.41 15.83
N LYS C 58 -24.00 -1.93 16.58
CA LYS C 58 -25.39 -2.32 16.29
C LYS C 58 -26.13 -1.17 15.65
N MET C 59 -26.95 -1.47 14.67
CA MET C 59 -27.69 -0.48 13.91
C MET C 59 -28.96 -1.17 13.42
N LEU C 60 -29.80 -0.50 12.63
CA LEU C 60 -31.02 -1.13 12.10
C LEU C 60 -30.94 -1.40 10.60
N LYS C 61 -32.02 -1.93 10.05
CA LYS C 61 -32.20 -2.07 8.61
C LYS C 61 -33.12 -0.92 8.13
N SER C 62 -33.13 -0.63 6.83
CA SER C 62 -33.86 0.54 6.34
C SER C 62 -35.36 0.33 6.43
N ASP C 63 -35.78 -0.91 6.18
CA ASP C 63 -37.13 -1.37 6.52
C ASP C 63 -37.17 -1.62 8.04
N ALA C 64 -37.55 -0.60 8.79
CA ALA C 64 -37.47 -0.62 10.26
C ALA C 64 -38.23 0.55 10.88
N THR C 65 -39.01 0.26 11.93
CA THR C 65 -40.00 1.22 12.43
C THR C 65 -39.48 2.16 13.52
N GLU C 66 -40.33 3.09 13.95
CA GLU C 66 -40.00 4.03 15.04
C GLU C 66 -39.88 3.30 16.37
N LYS C 67 -40.50 2.12 16.45
CA LYS C 67 -40.38 1.24 17.61
C LYS C 67 -38.99 0.58 17.62
N ASP C 68 -38.62 -0.08 16.52
CA ASP C 68 -37.28 -0.67 16.34
C ASP C 68 -36.21 0.29 16.88
N LEU C 69 -36.38 1.57 16.55
CA LEU C 69 -35.50 2.64 17.04
C LEU C 69 -35.59 2.86 18.54
N SER C 70 -36.81 2.93 19.05
CA SER C 70 -37.02 3.16 20.48
C SER C 70 -36.46 1.98 21.27
N ASP C 71 -36.54 0.78 20.68
CA ASP C 71 -35.88 -0.40 21.27
C ASP C 71 -34.36 -0.28 21.29
N LEU C 72 -33.79 0.06 20.13
CA LEU C 72 -32.35 0.13 20.00
C LEU C 72 -31.80 1.21 20.93
N ILE C 73 -32.56 2.31 21.07
CA ILE C 73 -32.16 3.38 21.98
C ILE C 73 -32.20 2.87 23.41
N SER C 74 -33.25 2.08 23.72
CA SER C 74 -33.40 1.53 25.06
C SER C 74 -32.19 0.71 25.42
N GLU C 75 -31.86 -0.22 24.52
CA GLU C 75 -30.70 -1.07 24.64
C GLU C 75 -29.46 -0.24 24.90
N MET C 76 -29.27 0.81 24.10
CA MET C 76 -28.23 1.76 24.40
C MET C 76 -28.41 2.36 25.81
N GLU C 77 -29.64 2.73 26.17
CA GLU C 77 -29.85 3.50 27.40
C GLU C 77 -29.64 2.59 28.61
N MET C 78 -30.24 1.40 28.55
CA MET C 78 -30.03 0.36 29.55
C MET C 78 -28.53 0.06 29.85
N MET C 79 -27.67 0.14 28.85
CA MET C 79 -26.26 -0.18 29.02
C MET C 79 -25.54 0.95 29.72
N LYS C 80 -26.00 2.18 29.47
CA LYS C 80 -25.51 3.35 30.21
C LYS C 80 -25.91 3.27 31.69
N MET C 81 -27.19 2.93 31.94
CA MET C 81 -27.69 2.72 33.31
C MET C 81 -26.85 1.69 34.04
N ILE C 82 -26.56 0.57 33.38
CA ILE C 82 -25.92 -0.59 34.00
C ILE C 82 -24.44 -0.41 34.39
N GLY C 83 -23.72 0.48 33.71
CA GLY C 83 -22.29 0.70 34.01
C GLY C 83 -21.35 -0.37 33.45
N LYS C 84 -20.04 -0.08 33.54
CA LYS C 84 -18.97 -0.98 33.07
C LYS C 84 -18.76 -2.15 34.01
N HIS C 85 -18.64 -3.35 33.45
CA HIS C 85 -18.17 -4.49 34.21
C HIS C 85 -17.31 -5.37 33.33
N LYS C 86 -16.25 -5.92 33.92
CA LYS C 86 -15.24 -6.65 33.17
C LYS C 86 -15.81 -7.86 32.46
N ASN C 87 -16.71 -8.56 33.14
CA ASN C 87 -17.34 -9.75 32.58
C ASN C 87 -18.70 -9.50 31.88
N ILE C 88 -18.85 -8.28 31.35
CA ILE C 88 -19.91 -7.97 30.36
C ILE C 88 -19.36 -7.25 29.15
N ILE C 89 -20.13 -7.30 28.07
CA ILE C 89 -19.83 -6.58 26.84
C ILE C 89 -20.17 -5.12 27.10
N ASN C 90 -19.14 -4.28 27.19
CA ASN C 90 -19.29 -2.87 27.57
C ASN C 90 -19.57 -1.96 26.37
N LEU C 91 -20.24 -0.85 26.63
CA LEU C 91 -20.47 0.18 25.61
C LEU C 91 -19.27 1.12 25.63
N LEU C 92 -18.94 1.61 24.44
CA LEU C 92 -17.81 2.50 24.19
C LEU C 92 -18.20 3.80 23.51
N GLY C 93 -19.30 3.79 22.76
CA GLY C 93 -19.67 4.93 21.98
C GLY C 93 -21.03 4.80 21.32
N ALA C 94 -21.45 5.90 20.69
CA ALA C 94 -22.59 5.89 19.80
C ALA C 94 -22.42 6.98 18.76
N CYS C 95 -23.00 6.76 17.58
CA CYS C 95 -23.19 7.83 16.62
C CYS C 95 -24.70 8.11 16.55
N THR C 96 -25.14 9.13 17.29
CA THR C 96 -26.57 9.43 17.45
C THR C 96 -27.05 10.64 16.65
N GLN C 97 -26.12 11.39 16.05
CA GLN C 97 -26.41 12.68 15.45
C GLN C 97 -26.14 12.73 13.96
N ASP C 98 -26.95 13.53 13.26
CA ASP C 98 -26.83 13.69 11.80
C ASP C 98 -26.56 12.40 11.08
N GLY C 99 -27.38 11.38 11.36
CA GLY C 99 -27.32 10.13 10.60
C GLY C 99 -27.93 8.93 11.30
N PRO C 100 -28.01 7.80 10.59
CA PRO C 100 -28.55 6.64 11.25
C PRO C 100 -27.85 6.39 12.60
N LEU C 101 -28.58 5.77 13.53
CA LEU C 101 -28.04 5.44 14.85
C LEU C 101 -27.13 4.19 14.82
N TYR C 102 -25.95 4.32 15.46
CA TYR C 102 -25.01 3.24 15.64
C TYR C 102 -24.63 3.14 17.09
N VAL C 103 -24.89 1.98 17.70
CA VAL C 103 -24.38 1.70 19.04
C VAL C 103 -23.11 0.86 19.02
N ILE C 104 -22.08 1.34 19.69
CA ILE C 104 -20.73 0.78 19.60
C ILE C 104 -20.27 0.08 20.86
N VAL C 105 -20.21 -1.23 20.81
CA VAL C 105 -19.73 -2.02 21.94
C VAL C 105 -18.34 -2.61 21.71
N GLU C 106 -17.82 -3.27 22.74
CA GLU C 106 -16.48 -3.88 22.72
C GLU C 106 -16.39 -5.06 21.80
N CYS C 107 -15.19 -5.43 21.38
CA CYS C 107 -15.06 -6.63 20.54
C CYS C 107 -14.39 -7.76 21.26
N ALA C 108 -15.02 -8.93 21.18
CA ALA C 108 -14.52 -10.15 21.77
C ALA C 108 -13.94 -11.01 20.64
N SER C 109 -12.62 -11.09 20.62
CA SER C 109 -11.88 -11.56 19.46
C SER C 109 -11.81 -13.07 19.30
N LYS C 110 -12.21 -13.81 20.33
CA LYS C 110 -12.19 -15.28 20.29
C LYS C 110 -13.59 -15.91 20.41
N GLY C 111 -14.55 -15.37 19.67
CA GLY C 111 -15.91 -15.91 19.62
C GLY C 111 -16.69 -16.06 20.93
N ASN C 112 -17.65 -16.96 20.91
CA ASN C 112 -18.46 -17.18 22.09
C ASN C 112 -18.07 -18.48 22.76
N LEU C 113 -18.64 -18.75 23.92
CA LEU C 113 -18.20 -19.84 24.78
C LEU C 113 -18.42 -21.23 24.16
N ARG C 114 -19.67 -21.53 23.80
CA ARG C 114 -20.03 -22.77 23.07
C ARG C 114 -18.92 -23.17 22.09
N GLU C 115 -18.53 -22.23 21.23
CA GLU C 115 -17.50 -22.42 20.22
C GLU C 115 -16.11 -22.47 20.80
N TYR C 116 -15.88 -21.67 21.84
CA TYR C 116 -14.54 -21.56 22.44
C TYR C 116 -14.15 -22.85 23.12
N LEU C 117 -15.13 -23.48 23.75
CA LEU C 117 -14.91 -24.74 24.42
C LEU C 117 -14.93 -25.92 23.45
N GLN C 118 -15.58 -25.77 22.30
CA GLN C 118 -15.64 -26.83 21.31
C GLN C 118 -14.26 -27.06 20.68
N ALA C 119 -13.63 -26.01 20.16
CA ALA C 119 -12.30 -26.16 19.58
C ALA C 119 -11.16 -26.05 20.63
N ARG C 120 -11.47 -26.35 21.90
CA ARG C 120 -10.44 -26.55 22.92
C ARG C 120 -10.60 -27.92 23.63
N ARG C 121 -11.31 -28.82 22.95
CA ARG C 121 -11.41 -30.22 23.35
C ARG C 121 -10.10 -30.96 23.04
N PRO C 122 -9.89 -32.15 23.64
CA PRO C 122 -8.74 -33.01 23.28
C PRO C 122 -8.61 -33.26 21.77
N PRO C 123 -7.35 -33.37 21.27
CA PRO C 123 -7.01 -33.28 19.85
C PRO C 123 -8.20 -33.31 18.87
N GLU C 136 -6.37 -23.71 19.59
CA GLU C 136 -6.18 -25.15 19.32
C GLU C 136 -5.63 -25.89 20.56
N GLU C 137 -5.02 -25.17 21.50
CA GLU C 137 -4.53 -25.75 22.77
C GLU C 137 -5.67 -25.97 23.79
N GLN C 138 -5.49 -26.95 24.68
CA GLN C 138 -6.53 -27.35 25.64
C GLN C 138 -6.55 -26.49 26.91
N LEU C 139 -7.55 -26.74 27.76
CA LEU C 139 -7.81 -25.95 28.95
C LEU C 139 -7.86 -26.85 30.18
N SER C 140 -7.17 -26.44 31.24
CA SER C 140 -7.16 -27.20 32.49
C SER C 140 -8.48 -27.12 33.26
N SER C 141 -8.60 -27.91 34.33
CA SER C 141 -9.74 -27.81 35.23
C SER C 141 -9.69 -26.52 36.03
N LYS C 142 -8.49 -26.00 36.24
CA LYS C 142 -8.29 -24.67 36.84
C LYS C 142 -8.99 -23.64 35.96
N ASP C 143 -8.81 -23.77 34.64
CA ASP C 143 -9.47 -22.91 33.66
C ASP C 143 -10.99 -23.07 33.71
N LEU C 144 -11.51 -24.20 33.23
CA LEU C 144 -12.95 -24.47 33.22
C LEU C 144 -13.79 -23.81 34.34
N VAL C 145 -13.27 -23.77 35.56
CA VAL C 145 -14.02 -23.23 36.70
C VAL C 145 -13.92 -21.69 36.72
N SER C 146 -12.72 -21.16 36.46
CA SER C 146 -12.52 -19.72 36.28
C SER C 146 -13.57 -19.13 35.33
N CYS C 147 -13.68 -19.79 34.17
CA CYS C 147 -14.69 -19.51 33.14
C CYS C 147 -16.12 -19.36 33.71
N ALA C 148 -16.62 -20.41 34.36
CA ALA C 148 -17.92 -20.31 35.03
C ALA C 148 -17.99 -19.29 36.19
N TYR C 149 -16.84 -18.95 36.78
CA TYR C 149 -16.77 -17.99 37.90
C TYR C 149 -17.08 -16.54 37.44
N GLN C 150 -16.68 -16.21 36.21
CA GLN C 150 -16.91 -14.87 35.67
C GLN C 150 -18.36 -14.67 35.23
N VAL C 151 -18.89 -15.63 34.49
CA VAL C 151 -20.32 -15.65 34.14
C VAL C 151 -21.22 -15.34 35.34
N ALA C 152 -20.86 -15.86 36.50
CA ALA C 152 -21.64 -15.64 37.71
C ALA C 152 -21.39 -14.24 38.25
N ARG C 153 -20.12 -13.86 38.24
CA ARG C 153 -19.72 -12.56 38.72
C ARG C 153 -20.48 -11.52 37.94
N GLY C 154 -20.46 -11.68 36.62
CA GLY C 154 -21.11 -10.77 35.71
C GLY C 154 -22.61 -10.75 35.87
N MET C 155 -23.21 -11.94 35.89
CA MET C 155 -24.64 -12.07 36.08
C MET C 155 -25.11 -11.54 37.43
N GLU C 156 -24.21 -11.48 38.41
CA GLU C 156 -24.52 -10.96 39.75
C GLU C 156 -24.63 -9.48 39.56
N TYR C 157 -23.53 -8.89 39.09
CA TYR C 157 -23.48 -7.49 38.77
C TYR C 157 -24.71 -7.08 37.97
N LEU C 158 -24.97 -7.78 36.87
CA LEU C 158 -26.17 -7.49 36.09
C LEU C 158 -27.39 -7.45 37.01
N ALA C 159 -27.62 -8.55 37.73
CA ALA C 159 -28.70 -8.62 38.72
C ALA C 159 -28.62 -7.43 39.66
N SER C 160 -27.47 -7.19 40.29
CA SER C 160 -27.27 -6.02 41.16
C SER C 160 -27.88 -4.73 40.54
N LYS C 161 -27.73 -4.54 39.24
CA LYS C 161 -28.22 -3.34 38.60
C LYS C 161 -29.61 -3.58 37.99
N LYS C 162 -30.40 -4.43 38.63
CA LYS C 162 -31.78 -4.74 38.20
C LYS C 162 -31.92 -5.54 36.91
N CYS C 163 -30.83 -5.84 36.19
CA CYS C 163 -30.93 -6.50 34.88
C CYS C 163 -31.21 -7.99 34.95
N ILE C 164 -32.18 -8.40 34.15
CA ILE C 164 -32.64 -9.79 34.03
C ILE C 164 -32.40 -10.28 32.61
N HIS C 165 -31.62 -11.34 32.47
CA HIS C 165 -31.10 -11.75 31.16
C HIS C 165 -32.06 -12.56 30.25
N ARG C 166 -32.75 -13.57 30.79
CA ARG C 166 -33.78 -14.32 30.03
C ARG C 166 -33.27 -15.36 29.05
N ASP C 167 -32.01 -15.24 28.65
CA ASP C 167 -31.44 -16.16 27.67
C ASP C 167 -29.96 -16.38 27.93
N LEU C 168 -29.57 -16.46 29.20
CA LEU C 168 -28.20 -16.78 29.52
C LEU C 168 -27.98 -18.18 28.98
N ALA C 169 -26.79 -18.37 28.42
CA ALA C 169 -26.41 -19.59 27.69
C ALA C 169 -25.03 -19.34 27.10
N ALA C 170 -24.28 -20.42 26.88
CA ALA C 170 -22.93 -20.34 26.33
C ALA C 170 -22.83 -19.51 25.07
N ARG C 171 -23.81 -19.66 24.17
CA ARG C 171 -23.82 -18.90 22.89
C ARG C 171 -23.90 -17.36 23.09
N ASN C 172 -24.48 -16.92 24.21
CA ASN C 172 -24.51 -15.51 24.61
C ASN C 172 -23.54 -15.17 25.73
N VAL C 173 -22.45 -15.92 25.86
CA VAL C 173 -21.27 -15.42 26.57
C VAL C 173 -20.12 -15.41 25.59
N LEU C 174 -19.27 -14.38 25.67
CA LEU C 174 -18.19 -14.14 24.70
C LEU C 174 -16.81 -14.09 25.36
N VAL C 175 -15.77 -14.23 24.55
CA VAL C 175 -14.40 -14.38 25.05
C VAL C 175 -13.37 -13.47 24.38
N THR C 176 -12.57 -12.78 25.19
CA THR C 176 -11.63 -11.78 24.69
C THR C 176 -10.27 -12.38 24.37
N GLU C 177 -9.38 -11.57 23.81
CA GLU C 177 -8.06 -12.07 23.42
C GLU C 177 -7.19 -12.45 24.63
N ASP C 178 -7.56 -11.97 25.83
CA ASP C 178 -6.91 -12.39 27.07
C ASP C 178 -7.77 -13.38 27.84
N ASN C 179 -8.59 -14.13 27.09
CA ASN C 179 -9.44 -15.20 27.64
C ASN C 179 -10.49 -14.81 28.74
N VAL C 180 -11.05 -13.59 28.65
CA VAL C 180 -12.04 -13.12 29.64
C VAL C 180 -13.49 -13.36 29.19
N MET C 181 -14.34 -13.80 30.13
CA MET C 181 -15.75 -14.11 29.84
C MET C 181 -16.63 -12.86 29.95
N LYS C 182 -17.41 -12.62 28.90
CA LYS C 182 -18.19 -11.41 28.81
C LYS C 182 -19.62 -11.71 28.41
N ILE C 183 -20.56 -11.37 29.28
CA ILE C 183 -21.96 -11.71 29.04
C ILE C 183 -22.58 -10.83 27.98
N ALA C 184 -23.31 -11.42 27.05
CA ALA C 184 -23.87 -10.68 25.91
C ALA C 184 -25.39 -10.56 25.95
N ASP C 185 -25.93 -9.75 25.04
CA ASP C 185 -27.38 -9.64 24.81
C ASP C 185 -28.24 -9.52 26.08
N PHE C 186 -27.74 -8.82 27.11
CA PHE C 186 -28.52 -8.69 28.34
C PHE C 186 -29.66 -7.68 28.20
N GLY C 187 -29.32 -6.44 27.85
CA GLY C 187 -30.34 -5.40 27.73
C GLY C 187 -31.23 -5.59 26.51
N LEU C 188 -31.98 -6.69 26.50
CA LEU C 188 -32.75 -7.10 25.32
C LEU C 188 -34.24 -6.92 25.61
N ALA C 189 -34.91 -6.11 24.80
CA ALA C 189 -36.36 -5.87 24.93
C ALA C 189 -37.15 -6.95 24.16
N ARG C 190 -37.01 -8.19 24.61
CA ARG C 190 -37.47 -9.36 23.86
C ARG C 190 -38.98 -9.51 23.81
N ASP C 191 -39.44 -10.54 23.10
CA ASP C 191 -40.86 -10.91 23.07
C ASP C 191 -41.05 -12.07 24.04
N ILE C 195 -43.95 -15.68 20.69
CA ILE C 195 -42.90 -16.44 21.38
C ILE C 195 -42.89 -17.89 20.86
N ASP C 196 -42.11 -18.13 19.79
CA ASP C 196 -42.06 -19.42 19.07
C ASP C 196 -41.02 -20.42 19.65
N TYR C 197 -41.49 -21.57 20.13
CA TYR C 197 -40.62 -22.60 20.75
C TYR C 197 -40.03 -23.65 19.81
N TYR C 198 -40.36 -23.58 18.52
CA TYR C 198 -39.88 -24.54 17.52
C TYR C 198 -38.87 -23.92 16.54
N LYS C 199 -38.47 -22.68 16.81
CA LYS C 199 -37.45 -21.98 16.01
C LYS C 199 -36.07 -22.32 16.56
N LYS C 200 -35.17 -22.72 15.67
CA LYS C 200 -33.85 -23.21 16.07
C LYS C 200 -32.74 -22.19 15.83
N THR C 201 -31.70 -22.22 16.68
CA THR C 201 -30.59 -21.26 16.62
C THR C 201 -29.69 -21.52 15.40
N THR C 202 -28.60 -20.76 15.29
CA THR C 202 -27.56 -20.99 14.25
C THR C 202 -27.01 -22.41 14.30
N ASN C 203 -26.78 -22.90 15.53
CA ASN C 203 -26.25 -24.25 15.74
C ASN C 203 -27.30 -25.32 15.42
N GLY C 204 -28.57 -24.93 15.51
CA GLY C 204 -29.70 -25.85 15.38
C GLY C 204 -30.21 -26.26 16.75
N ARG C 205 -30.05 -25.37 17.74
CA ARG C 205 -30.49 -25.62 19.11
C ARG C 205 -31.72 -24.77 19.44
N LEU C 206 -32.42 -25.18 20.50
CA LEU C 206 -33.65 -24.54 20.93
C LEU C 206 -33.40 -23.85 22.27
N PRO C 207 -33.69 -22.53 22.36
CA PRO C 207 -33.53 -21.75 23.61
C PRO C 207 -34.34 -22.23 24.85
N VAL C 208 -35.45 -22.92 24.61
CA VAL C 208 -36.28 -23.49 25.68
C VAL C 208 -35.51 -24.43 26.63
N LYS C 209 -34.41 -24.98 26.12
CA LYS C 209 -33.57 -25.90 26.88
C LYS C 209 -32.80 -25.19 28.01
N TRP C 210 -32.64 -23.89 27.88
CA TRP C 210 -32.03 -23.12 28.93
C TRP C 210 -33.10 -22.56 29.84
N MET C 211 -34.36 -22.61 29.38
CA MET C 211 -35.49 -22.00 30.10
C MET C 211 -35.96 -22.79 31.31
N ALA C 212 -36.29 -22.06 32.36
CA ALA C 212 -36.82 -22.61 33.59
C ALA C 212 -38.30 -22.94 33.40
N PRO C 213 -38.85 -23.80 34.27
CA PRO C 213 -40.24 -24.16 34.08
C PRO C 213 -41.19 -22.96 34.26
N GLU C 214 -41.05 -22.21 35.35
CA GLU C 214 -41.89 -21.04 35.59
C GLU C 214 -41.89 -20.01 34.44
N ALA C 215 -40.82 -19.99 33.63
CA ALA C 215 -40.76 -19.07 32.47
C ALA C 215 -41.25 -19.77 31.21
N LEU C 216 -40.93 -21.06 31.10
CA LEU C 216 -41.34 -21.88 29.95
C LEU C 216 -42.84 -22.15 29.92
N PHE C 217 -43.49 -22.09 31.07
CA PHE C 217 -44.93 -22.32 31.15
C PHE C 217 -45.65 -20.99 31.38
N ASP C 218 -45.35 -20.33 32.50
CA ASP C 218 -46.11 -19.15 32.96
C ASP C 218 -45.54 -17.77 32.55
N ARG C 219 -44.39 -17.75 31.88
CA ARG C 219 -43.73 -16.48 31.53
C ARG C 219 -43.13 -15.66 32.72
N ILE C 220 -42.91 -16.30 33.88
CA ILE C 220 -42.31 -15.61 35.04
C ILE C 220 -40.77 -15.49 34.92
N TYR C 221 -40.28 -14.26 34.77
CA TYR C 221 -38.86 -13.99 34.50
C TYR C 221 -38.12 -13.24 35.61
N THR C 222 -37.75 -13.95 36.66
CA THR C 222 -36.95 -13.39 37.77
C THR C 222 -35.45 -13.57 37.51
N HIS C 223 -34.62 -13.30 38.53
CA HIS C 223 -33.22 -13.72 38.52
C HIS C 223 -33.09 -15.19 38.84
N GLN C 224 -34.16 -15.75 39.40
CA GLN C 224 -34.18 -17.15 39.76
C GLN C 224 -34.21 -18.01 38.52
N SER C 225 -35.05 -17.62 37.55
CA SER C 225 -35.14 -18.32 36.26
C SER C 225 -33.88 -18.15 35.40
N ASP C 226 -33.09 -17.11 35.72
CA ASP C 226 -31.76 -16.88 35.17
C ASP C 226 -30.72 -17.86 35.70
N VAL C 227 -30.90 -18.27 36.97
CA VAL C 227 -29.96 -19.15 37.64
C VAL C 227 -30.09 -20.57 37.08
N TRP C 228 -31.35 -21.02 36.95
CA TRP C 228 -31.68 -22.24 36.22
C TRP C 228 -30.97 -22.31 34.87
N SER C 229 -30.94 -21.19 34.14
CA SER C 229 -30.26 -21.16 32.87
C SER C 229 -28.76 -21.22 33.07
N PHE C 230 -28.26 -20.67 34.18
CA PHE C 230 -26.83 -20.79 34.56
C PHE C 230 -26.46 -22.22 34.97
N GLY C 231 -27.41 -22.94 35.58
CA GLY C 231 -27.25 -24.37 35.77
C GLY C 231 -26.96 -25.05 34.44
N VAL C 232 -27.92 -24.99 33.53
CA VAL C 232 -27.78 -25.51 32.17
C VAL C 232 -26.47 -25.03 31.49
N LEU C 233 -26.01 -23.83 31.85
CA LEU C 233 -24.78 -23.25 31.28
C LEU C 233 -23.54 -23.95 31.84
N LEU C 234 -23.53 -24.20 33.15
CA LEU C 234 -22.42 -24.93 33.79
C LEU C 234 -22.23 -26.30 33.13
N TRP C 235 -23.37 -26.92 32.79
CA TRP C 235 -23.38 -28.21 32.12
C TRP C 235 -22.77 -28.08 30.72
N GLU C 236 -23.00 -26.95 30.08
CA GLU C 236 -22.32 -26.64 28.83
C GLU C 236 -20.82 -26.55 29.03
N ILE C 237 -20.38 -25.97 30.14
CA ILE C 237 -18.97 -25.72 30.34
C ILE C 237 -18.22 -27.01 30.53
N PHE C 238 -18.67 -27.84 31.46
CA PHE C 238 -17.91 -29.02 31.84
C PHE C 238 -18.11 -30.22 30.89
N THR C 239 -19.03 -30.08 29.93
CA THR C 239 -19.12 -30.98 28.77
C THR C 239 -18.46 -30.32 27.58
N LEU C 240 -17.43 -29.50 27.81
CA LEU C 240 -16.85 -28.63 26.78
C LEU C 240 -17.77 -28.37 25.56
N GLY C 241 -18.93 -27.78 25.80
CA GLY C 241 -19.81 -27.33 24.72
C GLY C 241 -20.91 -28.30 24.34
N GLY C 242 -21.35 -29.10 25.32
CA GLY C 242 -22.38 -30.09 25.06
C GLY C 242 -23.71 -29.48 24.68
N SER C 243 -24.58 -30.31 24.14
CA SER C 243 -25.89 -29.91 23.63
C SER C 243 -26.99 -30.42 24.57
N PRO C 244 -27.37 -29.61 25.58
CA PRO C 244 -28.26 -30.00 26.68
C PRO C 244 -29.50 -30.80 26.29
N TYR C 245 -29.87 -31.74 27.16
CA TYR C 245 -30.99 -32.64 26.94
C TYR C 245 -30.88 -33.18 25.51
N PRO C 246 -29.79 -33.92 25.21
CA PRO C 246 -29.45 -34.28 23.82
C PRO C 246 -30.49 -35.14 23.09
N GLY C 247 -30.81 -34.74 21.85
CA GLY C 247 -31.72 -35.49 20.98
C GLY C 247 -33.21 -35.27 21.21
N VAL C 248 -33.61 -35.19 22.49
CA VAL C 248 -35.02 -35.02 22.91
C VAL C 248 -35.76 -33.92 22.13
N PRO C 249 -37.02 -34.17 21.73
CA PRO C 249 -37.80 -33.10 21.10
C PRO C 249 -38.50 -32.21 22.11
N VAL C 250 -39.19 -31.18 21.61
CA VAL C 250 -39.82 -30.14 22.45
C VAL C 250 -40.97 -30.68 23.30
N GLU C 251 -41.77 -31.58 22.73
CA GLU C 251 -42.95 -32.13 23.42
C GLU C 251 -42.58 -33.04 24.60
N GLU C 252 -41.49 -33.78 24.45
CA GLU C 252 -40.99 -34.66 25.52
C GLU C 252 -40.39 -33.87 26.68
N LEU C 253 -39.78 -32.74 26.36
CA LEU C 253 -39.12 -31.91 27.37
C LEU C 253 -40.10 -31.36 28.39
N PHE C 254 -41.11 -30.65 27.90
CA PHE C 254 -42.14 -30.06 28.76
C PHE C 254 -42.48 -31.04 29.89
N LYS C 255 -42.72 -32.29 29.49
CA LYS C 255 -43.06 -33.38 30.40
C LYS C 255 -41.88 -33.74 31.32
N LEU C 256 -40.71 -33.98 30.73
CA LEU C 256 -39.54 -34.45 31.47
C LEU C 256 -39.26 -33.65 32.74
N LEU C 257 -39.48 -32.33 32.66
CA LEU C 257 -39.26 -31.44 33.81
C LEU C 257 -40.35 -31.59 34.87
N LYS C 258 -41.60 -31.69 34.42
CA LYS C 258 -42.73 -31.97 35.32
C LYS C 258 -42.44 -33.20 36.19
N GLU C 259 -42.15 -34.34 35.56
CA GLU C 259 -41.64 -35.53 36.26
C GLU C 259 -40.69 -35.16 37.40
N GLY C 260 -39.84 -34.16 37.14
CA GLY C 260 -38.75 -33.79 38.04
C GLY C 260 -37.44 -34.37 37.53
N HIS C 261 -37.37 -34.65 36.22
CA HIS C 261 -36.15 -35.18 35.63
C HIS C 261 -35.15 -34.04 35.45
N ARG C 262 -33.88 -34.36 35.67
CA ARG C 262 -32.76 -33.44 35.55
C ARG C 262 -31.63 -34.10 34.72
N MET C 263 -30.82 -33.29 34.06
CA MET C 263 -29.77 -33.81 33.20
C MET C 263 -28.75 -34.62 33.98
N ASP C 264 -28.17 -35.61 33.29
CA ASP C 264 -27.10 -36.43 33.87
C ASP C 264 -25.88 -35.59 34.19
N LYS C 265 -25.10 -35.99 35.19
CA LYS C 265 -23.77 -35.40 35.36
C LYS C 265 -22.84 -35.73 34.17
N PRO C 266 -21.99 -34.77 33.78
CA PRO C 266 -21.01 -35.08 32.73
C PRO C 266 -19.74 -35.73 33.26
N SER C 267 -18.97 -36.30 32.34
CA SER C 267 -17.72 -36.96 32.68
C SER C 267 -16.66 -35.92 32.91
N ASN C 268 -15.70 -36.22 33.77
CA ASN C 268 -14.74 -35.22 34.24
C ASN C 268 -15.51 -34.01 34.79
N CYS C 269 -16.16 -34.23 35.94
CA CYS C 269 -16.96 -33.20 36.59
C CYS C 269 -17.33 -33.67 37.99
N THR C 270 -16.95 -32.90 38.99
CA THR C 270 -17.04 -33.36 40.38
C THR C 270 -18.51 -33.37 40.85
N ASN C 271 -18.76 -34.05 41.96
CA ASN C 271 -20.10 -34.08 42.55
C ASN C 271 -20.52 -32.71 43.01
N GLU C 272 -19.58 -31.97 43.57
CA GLU C 272 -19.80 -30.62 44.04
C GLU C 272 -20.35 -29.74 42.91
N LEU C 273 -19.62 -29.70 41.79
CA LEU C 273 -20.01 -28.88 40.65
C LEU C 273 -21.30 -29.39 40.08
N TYR C 274 -21.53 -30.69 40.20
CA TYR C 274 -22.78 -31.26 39.79
C TYR C 274 -23.91 -30.95 40.77
N MET C 275 -23.59 -30.80 42.05
CA MET C 275 -24.63 -30.44 43.04
C MET C 275 -25.10 -29.02 42.78
N MET C 276 -24.14 -28.13 42.53
CA MET C 276 -24.42 -26.76 42.16
C MET C 276 -25.51 -26.69 41.09
N MET C 277 -25.35 -27.45 40.00
CA MET C 277 -26.37 -27.51 38.92
C MET C 277 -27.77 -27.86 39.42
N ARG C 278 -27.82 -28.82 40.33
CA ARG C 278 -29.09 -29.27 40.87
C ARG C 278 -29.69 -28.24 41.81
N ASP C 279 -28.85 -27.43 42.47
CA ASP C 279 -29.33 -26.35 43.35
C ASP C 279 -29.93 -25.24 42.47
N CYS C 280 -29.28 -24.98 41.33
CA CYS C 280 -29.83 -24.07 40.32
C CYS C 280 -31.10 -24.65 39.73
N TRP C 281 -31.07 -25.96 39.49
CA TRP C 281 -32.26 -26.66 38.98
C TRP C 281 -33.31 -27.03 40.06
N HIS C 282 -33.31 -26.29 41.18
CA HIS C 282 -34.31 -26.46 42.23
C HIS C 282 -35.67 -26.05 41.69
N ALA C 283 -36.64 -26.95 41.76
CA ALA C 283 -37.93 -26.72 41.12
C ALA C 283 -38.66 -25.49 41.71
N VAL C 284 -38.50 -25.29 43.02
CA VAL C 284 -39.08 -24.13 43.74
C VAL C 284 -38.08 -22.96 43.70
N PRO C 285 -38.43 -21.87 42.99
CA PRO C 285 -37.43 -20.84 42.69
C PRO C 285 -36.69 -20.26 43.89
N SER C 286 -37.36 -20.14 45.04
CA SER C 286 -36.75 -19.50 46.22
C SER C 286 -35.65 -20.37 46.87
N GLN C 287 -35.62 -21.66 46.53
CA GLN C 287 -34.62 -22.57 47.03
C GLN C 287 -33.35 -22.50 46.19
N ARG C 288 -33.51 -22.22 44.90
CA ARG C 288 -32.38 -21.97 44.00
C ARG C 288 -31.51 -20.91 44.61
N PRO C 289 -30.19 -21.02 44.41
CA PRO C 289 -29.32 -19.99 44.95
C PRO C 289 -29.42 -18.66 44.17
N THR C 290 -29.15 -17.55 44.84
CA THR C 290 -28.87 -16.29 44.15
C THR C 290 -27.46 -16.36 43.58
N PHE C 291 -27.15 -15.46 42.66
CA PHE C 291 -25.83 -15.39 42.08
C PHE C 291 -24.83 -14.86 43.10
N LYS C 292 -25.34 -14.19 44.13
CA LYS C 292 -24.49 -13.67 45.20
C LYS C 292 -23.77 -14.84 45.86
N GLN C 293 -24.55 -15.88 46.20
CA GLN C 293 -24.05 -17.19 46.67
C GLN C 293 -23.10 -17.81 45.67
N LEU C 294 -23.63 -18.10 44.47
CA LEU C 294 -22.92 -18.83 43.42
C LEU C 294 -21.50 -18.31 43.15
N VAL C 295 -21.31 -17.00 43.29
CA VAL C 295 -19.99 -16.38 43.20
C VAL C 295 -19.06 -16.81 44.33
N GLU C 296 -19.60 -16.77 45.55
CA GLU C 296 -18.83 -17.05 46.75
C GLU C 296 -18.30 -18.48 46.74
N ASP C 297 -19.18 -19.44 46.42
CA ASP C 297 -18.83 -20.86 46.35
C ASP C 297 -17.76 -21.07 45.28
N LEU C 298 -18.07 -20.63 44.07
CA LEU C 298 -17.16 -20.78 42.93
C LEU C 298 -15.80 -20.13 43.19
N ASP C 299 -15.80 -19.02 43.93
CA ASP C 299 -14.56 -18.31 44.22
C ASP C 299 -13.58 -19.26 44.91
N ARG C 300 -14.01 -19.75 46.06
CA ARG C 300 -13.26 -20.75 46.83
C ARG C 300 -12.77 -21.88 45.92
N ILE C 301 -13.70 -22.50 45.20
CA ILE C 301 -13.42 -23.67 44.33
C ILE C 301 -12.26 -23.47 43.31
N VAL C 302 -11.89 -22.22 43.01
CA VAL C 302 -10.85 -21.98 42.01
C VAL C 302 -9.43 -22.14 42.60
N ALA C 303 -9.24 -21.74 43.85
CA ALA C 303 -7.95 -21.95 44.54
C ALA C 303 -7.66 -23.45 44.76
N LEU C 304 -8.72 -24.25 44.83
CA LEU C 304 -8.63 -25.70 45.09
C LEU C 304 -8.36 -26.56 43.84
N THR C 305 -8.40 -25.98 42.64
CA THR C 305 -8.27 -26.76 41.41
C THR C 305 -6.90 -26.56 40.76
N SER C 306 -6.45 -27.56 40.00
CA SER C 306 -5.09 -27.61 39.43
C SER C 306 -5.05 -27.49 37.89
N ASN C 307 -3.84 -27.25 37.38
CA ASN C 307 -3.59 -27.24 35.94
C ASN C 307 -3.22 -28.62 35.39
C10 O1Y D . 3.97 14.81 -4.59
C11 O1Y D . 3.36 13.69 -5.14
C18 O1Y D . -1.18 16.31 6.74
C17 O1Y D . -2.17 17.39 7.15
C16 O1Y D . -2.22 18.53 6.14
O4 O1Y D . -3.10 19.39 6.23
N6 O1Y D . -1.27 18.51 5.22
C2 O1Y D . -1.20 19.47 4.30
C20 O1Y D . -2.00 20.50 4.11
N7 O1Y D . -1.52 21.13 3.04
C21 O1Y D . -2.09 22.34 2.48
C22 O1Y D . -1.02 23.15 1.76
O5 O1Y D . -1.57 24.42 1.41
N8 O1Y D . -0.58 20.59 2.60
C1 O1Y D . -0.35 19.51 3.32
N1 O1Y D . 0.65 18.67 3.14
C3 O1Y D . 0.85 17.96 2.05
C4 O1Y D . 0.28 18.22 0.82
N3 O1Y D . 1.71 16.98 2.21
C6 O1Y D . 2.05 16.17 1.18
N2 O1Y D . 1.48 16.41 -0.04
C5 O1Y D . 0.61 17.39 -0.26
N4 O1Y D . 0.13 17.55 -1.52
C14 O1Y D . -0.86 18.58 -1.77
C7 O1Y D . 0.60 16.83 -2.58
O1 O1Y D . 0.18 17.02 -3.71
N5 O1Y D . 1.49 15.87 -2.32
C8 O1Y D . 2.06 15.14 -3.25
C13 O1Y D . 1.44 14.02 -3.77
CL1 O1Y D . 0.04 13.59 -3.29
C9 O1Y D . 3.29 15.53 -3.63
CL2 O1Y D . 3.86 16.82 -2.94
O2 O1Y D . 5.20 15.28 -4.91
C15 O1Y D . 5.90 14.66 -5.99
C12 O1Y D . 2.11 13.30 -4.73
O3 O1Y D . 1.45 12.21 -5.19
C19 O1Y D . 2.00 11.46 -6.26
S SO4 E . 2.96 -0.90 2.58
O1 SO4 E . 1.80 -1.11 3.49
O2 SO4 E . 3.48 -2.19 2.06
O3 SO4 E . 2.54 -0.09 1.41
O4 SO4 E . 4.02 -0.22 3.34
C10 O1Y F . 14.64 -0.13 -26.28
C11 O1Y F . 14.06 1.12 -26.43
C18 O1Y F . 22.69 -2.73 -35.71
C17 O1Y F . 22.45 -2.95 -37.18
C16 O1Y F . 21.06 -3.63 -37.22
O4 O1Y F . 20.50 -3.69 -38.30
N6 O1Y F . 20.54 -4.07 -36.06
C2 O1Y F . 19.30 -4.60 -36.03
C20 O1Y F . 18.57 -4.92 -37.10
N7 O1Y F . 17.40 -5.38 -36.69
C21 O1Y F . 16.42 -5.80 -37.69
C22 O1Y F . 15.06 -5.84 -37.01
O5 O1Y F . 14.28 -6.67 -37.87
N8 O1Y F . 17.37 -5.36 -35.44
C1 O1Y F . 18.51 -4.86 -34.99
N1 O1Y F . 18.79 -4.73 -33.69
C3 O1Y F . 18.20 -3.81 -32.89
C4 O1Y F . 16.82 -3.62 -32.74
N3 O1Y F . 19.05 -3.08 -32.16
C6 O1Y F . 18.58 -2.14 -31.27
N2 O1Y F . 17.21 -1.96 -31.13
C5 O1Y F . 16.33 -2.65 -31.84
N4 O1Y F . 15.02 -2.41 -31.63
C14 O1Y F . 14.02 -3.07 -32.49
C7 O1Y F . 14.55 -1.70 -30.53
O1 O1Y F . 13.35 -1.57 -30.34
N5 O1Y F . 15.41 -1.08 -29.70
C8 O1Y F . 14.95 -0.34 -28.67
C13 O1Y F . 14.40 0.94 -28.85
CL1 O1Y F . 14.25 1.57 -30.39
C9 O1Y F . 15.08 -0.85 -27.39
CL2 O1Y F . 15.74 -2.31 -27.21
O2 O1Y F . 14.81 -0.75 -25.09
C15 O1Y F . 14.10 -0.11 -23.99
C12 O1Y F . 13.95 1.66 -27.71
O3 O1Y F . 13.40 2.88 -27.91
C19 O1Y F . 12.84 3.51 -26.76
S SO4 G . 24.55 13.89 -27.14
O1 SO4 G . 23.49 12.92 -26.80
O2 SO4 G . 24.93 13.77 -28.58
O3 SO4 G . 24.07 15.26 -26.83
O4 SO4 G . 25.73 13.63 -26.29
C10 O1Y H . -24.56 -6.59 22.96
C11 O1Y H . -25.18 -5.49 22.43
C18 O1Y H . -13.12 -8.37 17.53
C17 O1Y H . -12.84 -9.83 17.22
C16 O1Y H . -14.08 -10.40 16.59
O4 O1Y H . -14.26 -10.35 15.37
N6 O1Y H . -14.91 -10.98 17.45
C2 O1Y H . -16.04 -11.53 17.02
C20 O1Y H . -16.24 -12.11 15.87
N7 O1Y H . -17.51 -12.51 15.89
C21 O1Y H . -18.14 -13.21 14.78
C22 O1Y H . -18.47 -14.63 15.17
O5 O1Y H . -19.11 -15.26 14.07
N8 O1Y H . -18.02 -12.21 16.90
C1 O1Y H . -17.17 -11.57 17.66
N1 O1Y H . -17.39 -11.11 18.89
C3 O1Y H . -18.30 -10.18 19.22
C4 O1Y H . -19.59 -10.15 18.73
N3 O1Y H . -17.93 -9.30 20.12
C6 O1Y H . -18.83 -8.35 20.53
N2 O1Y H . -20.11 -8.30 20.03
C5 O1Y H . -20.50 -9.18 19.13
N4 O1Y H . -21.76 -9.12 18.67
C14 O1Y H . -22.13 -9.90 17.47
C7 O1Y H . -22.72 -8.36 19.26
O1 O1Y H . -23.87 -8.34 18.80
N5 O1Y H . -22.38 -7.61 20.34
C8 O1Y H . -23.28 -6.88 20.99
C13 O1Y H . -23.88 -5.79 20.41
CL1 O1Y H . -23.51 -5.29 18.97
C9 O1Y H . -23.63 -7.28 22.24
CL2 O1Y H . -22.94 -8.49 22.79
O2 O1Y H . -24.82 -7.06 24.18
C15 O1Y H . -25.74 -6.18 24.80
C12 O1Y H . -24.82 -5.10 21.16
O3 O1Y H . -25.36 -4.05 20.55
C19 O1Y H . -26.27 -3.39 21.41
#